data_7P3B
#
_entry.id   7P3B
#
_cell.length_a   96.906
_cell.length_b   96.906
_cell.length_c   227.137
_cell.angle_alpha   90.000
_cell.angle_beta   90.000
_cell.angle_gamma   90.000
#
_symmetry.space_group_name_H-M   'P 41 21 2'
#
loop_
_entity.id
_entity.type
_entity.pdbx_description
1 polymer 'RNA-splicing ligase RtcB homolog'
2 non-polymer "GUANOSINE-5'-MONOPHOSPHATE"
3 non-polymer 'COBALT (II) ION'
4 non-polymer 'ACETATE ION'
5 non-polymer 'FORMIC ACID'
6 non-polymer GLYCEROL
7 water water
#
_entity_poly.entity_id   1
_entity_poly.type   'polypeptide(L)'
_entity_poly.pdbx_seq_one_letter_code
;SNASRSYNDELQFLEKINKNCWRIKKGFVPNMQVEGVFYVNDALEKLMFEELRNACRGGGVGGFLPAMKQIGNVAALPGI
VHRSIGLPDVHSGYGFAIGNMAAFDMNDPEAVVSPGGVGFDINCGVRLLRTNLDESDVQPVKEQLAQAMFDHIPVGVGSK
GVIPMNAKDLEEALEMGVDWSLREGYAWAEDKEHCEEYGRMLQADPNKVSARAKKRGLPQLGTLGAGNHYAEIQVVDEIF
NEYAAKKMGIDHKGQVCVMIHSGSRGLGHQVATDALVAMEKAMKRDKIIVNDRQLACARIASPEGQDYLKGMAAAGNYAW
VNRSSMTFLTRQAFAKVFNTTPDDLDLHVIYDVSHNIAKVEQHVVDGKERTLLVHRKGSTRAFPPHHPLIAVDYQLTGQP
VLIGGTMGTCSYVLTGTEQGMTETFGTTCHGAGRALSRAKSRRNLDFQDVLDKLADMGIAIRVASPKLVMEEAPESYKNV
TDVVNTCHDAGISKKAIKLRPIAVIKG
;
_entity_poly.pdbx_strand_id   A,B
#
# COMPACT_ATOMS: atom_id res chain seq x y z
N ARG A 5 49.56 -18.78 -6.87
CA ARG A 5 49.25 -18.67 -8.28
C ARG A 5 49.78 -17.41 -8.88
N SER A 6 50.37 -17.47 -10.06
CA SER A 6 50.81 -16.27 -10.71
C SER A 6 49.65 -15.71 -11.52
N TYR A 7 49.81 -14.50 -12.02
CA TYR A 7 48.77 -13.90 -12.83
C TYR A 7 48.57 -14.69 -14.10
N ASN A 8 49.63 -15.19 -14.69
CA ASN A 8 49.52 -15.99 -15.88
C ASN A 8 48.71 -17.24 -15.62
N ASP A 9 48.88 -17.87 -14.46
CA ASP A 9 48.10 -19.03 -14.10
C ASP A 9 46.62 -18.70 -14.04
N GLU A 10 46.27 -17.53 -13.51
CA GLU A 10 44.87 -17.14 -13.41
C GLU A 10 44.21 -17.13 -14.77
N LEU A 11 44.93 -16.70 -15.80
CA LEU A 11 44.47 -16.63 -17.18
C LEU A 11 44.08 -17.96 -17.81
N GLN A 12 44.59 -19.07 -17.30
CA GLN A 12 44.27 -20.40 -17.74
C GLN A 12 42.80 -20.74 -17.61
N PHE A 13 42.14 -20.23 -16.58
CA PHE A 13 40.72 -20.47 -16.39
C PHE A 13 39.78 -19.45 -17.03
N LEU A 14 40.34 -18.43 -17.68
CA LEU A 14 39.56 -17.35 -18.32
C LEU A 14 39.59 -17.54 -19.83
N GLU A 15 38.44 -17.70 -20.49
CA GLU A 15 38.34 -17.95 -21.95
C GLU A 15 37.21 -17.07 -22.49
N LYS A 16 37.44 -16.33 -23.58
CA LYS A 16 36.46 -15.41 -24.18
C LYS A 16 35.45 -16.21 -25.03
N ILE A 17 34.16 -16.18 -24.73
CA ILE A 17 33.13 -16.92 -25.50
C ILE A 17 32.87 -16.17 -26.81
N ASN A 18 32.40 -14.94 -26.73
CA ASN A 18 32.03 -14.12 -27.90
C ASN A 18 32.60 -12.72 -27.71
N LYS A 19 32.27 -11.81 -28.62
CA LYS A 19 32.64 -10.37 -28.62
C LYS A 19 32.50 -9.71 -27.24
N ASN A 20 31.42 -9.97 -26.51
CA ASN A 20 31.20 -9.27 -25.22
C ASN A 20 31.05 -10.19 -23.99
N CYS A 21 31.39 -11.46 -24.03
CA CYS A 21 31.23 -12.32 -22.84
C CYS A 21 32.48 -13.15 -22.56
N TRP A 22 32.87 -13.33 -21.29
CA TRP A 22 34.01 -14.17 -20.86
C TRP A 22 33.47 -15.31 -20.03
N ARG A 23 34.14 -16.44 -20.05
CA ARG A 23 33.77 -17.63 -19.27
C ARG A 23 34.81 -17.75 -18.16
N ILE A 24 34.41 -18.13 -16.97
CA ILE A 24 35.27 -18.37 -15.80
C ILE A 24 35.10 -19.87 -15.57
N LYS A 25 36.08 -20.69 -15.99
CA LYS A 25 36.01 -22.16 -15.93
C LYS A 25 36.05 -22.63 -14.47
N LYS A 26 35.53 -23.82 -14.22
CA LYS A 26 35.54 -24.43 -12.88
C LYS A 26 37.00 -24.59 -12.44
N GLY A 27 37.33 -24.30 -11.20
CA GLY A 27 38.72 -24.47 -10.74
C GLY A 27 39.39 -23.14 -10.51
N PHE A 28 38.78 -22.04 -10.97
CA PHE A 28 39.26 -20.66 -10.73
C PHE A 28 39.36 -20.46 -9.22
N VAL A 29 38.28 -20.87 -8.54
CA VAL A 29 38.12 -20.91 -7.07
C VAL A 29 37.70 -22.33 -6.69
N PRO A 30 37.80 -22.79 -5.43
CA PRO A 30 37.35 -24.13 -5.10
C PRO A 30 35.84 -24.40 -5.18
N ASN A 31 35.44 -25.64 -5.45
CA ASN A 31 34.05 -26.18 -5.45
C ASN A 31 33.04 -25.41 -6.30
N MET A 32 33.38 -24.98 -7.49
CA MET A 32 32.41 -24.27 -8.33
C MET A 32 31.36 -25.27 -8.83
N GLN A 33 30.07 -25.03 -8.64
CA GLN A 33 28.98 -25.92 -9.10
C GLN A 33 28.76 -25.68 -10.60
N VAL A 34 28.81 -24.43 -11.00
CA VAL A 34 28.61 -23.97 -12.40
C VAL A 34 29.77 -23.05 -12.77
N GLU A 35 29.80 -22.60 -14.01
CA GLU A 35 30.82 -21.65 -14.46
C GLU A 35 30.38 -20.24 -14.12
N GLY A 36 31.31 -19.31 -14.18
CA GLY A 36 31.04 -17.89 -14.02
C GLY A 36 31.19 -17.22 -15.37
N VAL A 37 30.43 -16.20 -15.67
CA VAL A 37 30.61 -15.44 -16.92
C VAL A 37 30.51 -13.97 -16.56
N PHE A 38 31.19 -13.11 -17.29
CA PHE A 38 31.09 -11.66 -17.07
C PHE A 38 30.98 -11.00 -18.45
N TYR A 39 30.00 -10.14 -18.68
CA TYR A 39 29.72 -9.48 -19.98
C TYR A 39 30.47 -8.17 -19.98
N VAL A 40 31.46 -7.94 -20.85
CA VAL A 40 32.22 -6.66 -20.94
C VAL A 40 32.62 -6.43 -22.39
N ASN A 41 32.86 -5.19 -22.77
CA ASN A 41 33.39 -4.81 -24.11
C ASN A 41 34.91 -4.62 -23.98
N ASP A 42 35.62 -4.39 -25.08
CA ASP A 42 37.10 -4.22 -25.07
C ASP A 42 37.55 -3.20 -24.03
N ALA A 43 36.87 -2.06 -23.89
CA ALA A 43 37.22 -0.96 -22.95
C ALA A 43 37.01 -1.37 -21.49
N LEU A 44 35.99 -2.16 -21.19
CA LEU A 44 35.67 -2.60 -19.81
C LEU A 44 36.54 -3.80 -19.42
N GLU A 45 36.91 -4.62 -20.38
CA GLU A 45 37.76 -5.84 -20.24
C GLU A 45 39.03 -5.51 -19.45
N LYS A 46 39.81 -4.54 -19.91
CA LYS A 46 41.11 -4.10 -19.35
C LYS A 46 41.08 -4.01 -17.83
N LEU A 47 40.08 -3.34 -17.28
CA LEU A 47 40.02 -3.05 -15.82
C LEU A 47 39.76 -4.34 -15.05
N MET A 48 38.93 -5.23 -15.56
CA MET A 48 38.66 -6.51 -14.88
C MET A 48 39.98 -7.23 -14.65
N PHE A 49 40.78 -7.37 -15.70
CA PHE A 49 42.06 -8.14 -15.70
C PHE A 49 43.13 -7.37 -14.95
N GLU A 50 43.16 -6.05 -15.03
CA GLU A 50 44.17 -5.26 -14.30
C GLU A 50 43.95 -5.50 -12.80
N GLU A 51 42.71 -5.51 -12.34
CA GLU A 51 42.37 -5.73 -10.92
C GLU A 51 42.83 -7.11 -10.48
N LEU A 52 42.71 -8.11 -11.34
CA LEU A 52 43.10 -9.51 -11.05
C LEU A 52 44.63 -9.61 -10.98
N ARG A 53 45.32 -8.84 -11.81
CA ARG A 53 46.79 -8.81 -11.96
C ARG A 53 47.42 -8.14 -10.74
N ASN A 54 46.76 -7.12 -10.20
CA ASN A 54 47.22 -6.36 -9.02
C ASN A 54 47.09 -7.21 -7.76
N ALA A 55 46.15 -8.15 -7.75
CA ALA A 55 45.89 -9.04 -6.60
C ALA A 55 47.00 -10.09 -6.53
N CYS A 56 47.53 -10.49 -7.67
CA CYS A 56 48.61 -11.48 -7.75
C CYS A 56 49.90 -10.83 -7.26
N ARG A 57 50.05 -9.54 -7.46
CA ARG A 57 51.21 -8.74 -7.00
C ARG A 57 50.85 -7.98 -5.72
N GLY A 62 42.53 -4.02 0.75
CA GLY A 62 41.06 -3.92 0.81
C GLY A 62 40.44 -5.06 1.59
N GLY A 63 39.15 -4.98 1.82
CA GLY A 63 38.40 -6.04 2.54
C GLY A 63 37.66 -6.96 1.61
N PHE A 64 37.68 -6.70 0.30
CA PHE A 64 36.97 -7.49 -0.72
C PHE A 64 37.95 -8.17 -1.67
N LEU A 65 37.57 -9.31 -2.23
CA LEU A 65 38.38 -10.07 -3.21
C LEU A 65 38.19 -9.45 -4.60
N PRO A 66 39.01 -9.72 -5.62
CA PRO A 66 38.75 -9.20 -6.95
C PRO A 66 37.38 -9.66 -7.49
N ALA A 67 36.66 -8.78 -8.19
CA ALA A 67 35.31 -9.03 -8.76
C ALA A 67 35.22 -10.42 -9.39
N MET A 68 36.15 -10.75 -10.29
CA MET A 68 36.26 -12.05 -10.99
C MET A 68 36.19 -13.21 -9.98
N LYS A 69 36.95 -13.14 -8.90
CA LYS A 69 37.03 -14.20 -7.87
C LYS A 69 35.70 -14.27 -7.12
N GLN A 70 35.05 -13.14 -6.91
CA GLN A 70 33.75 -13.07 -6.21
C GLN A 70 32.72 -13.78 -7.08
N ILE A 71 32.77 -13.59 -8.39
CA ILE A 71 31.82 -14.29 -9.27
C ILE A 71 32.00 -15.81 -9.16
N GLY A 72 33.25 -16.29 -9.17
CA GLY A 72 33.48 -17.72 -8.99
C GLY A 72 33.04 -18.22 -7.63
N ASN A 73 33.31 -17.45 -6.57
CA ASN A 73 32.92 -17.93 -5.25
C ASN A 73 31.40 -18.07 -5.18
N VAL A 74 30.67 -17.15 -5.80
CA VAL A 74 29.22 -17.31 -5.74
C VAL A 74 28.84 -18.54 -6.53
N ALA A 75 29.61 -18.86 -7.56
CA ALA A 75 29.37 -20.06 -8.34
C ALA A 75 29.54 -21.33 -7.53
N ALA A 76 30.19 -21.27 -6.37
CA ALA A 76 30.34 -22.45 -5.52
C ALA A 76 29.19 -22.60 -4.52
N LEU A 77 28.24 -21.68 -4.52
CA LEU A 77 27.19 -21.73 -3.53
C LEU A 77 26.22 -22.88 -3.78
N PRO A 78 25.73 -23.55 -2.74
CA PRO A 78 24.85 -24.69 -2.97
C PRO A 78 23.52 -24.31 -3.59
N GLY A 79 23.08 -25.10 -4.57
CA GLY A 79 21.78 -24.95 -5.18
C GLY A 79 21.75 -24.04 -6.38
N ILE A 80 22.84 -23.36 -6.68
CA ILE A 80 22.89 -22.47 -7.82
C ILE A 80 22.61 -23.24 -9.11
N VAL A 81 21.99 -22.57 -10.06
CA VAL A 81 21.74 -23.14 -11.37
C VAL A 81 22.30 -22.21 -12.43
N HIS A 82 22.39 -22.74 -13.64
CA HIS A 82 22.82 -21.96 -14.79
C HIS A 82 24.22 -21.44 -14.54
N ARG A 83 24.53 -20.16 -14.20
CA ARG A 83 25.83 -19.63 -14.07
C ARG A 83 25.78 -18.50 -13.05
N SER A 84 26.94 -18.12 -12.58
CA SER A 84 27.08 -16.98 -11.70
C SER A 84 27.39 -15.93 -12.73
N ILE A 85 26.62 -14.86 -12.79
CA ILE A 85 26.82 -13.89 -13.82
C ILE A 85 27.23 -12.50 -13.35
N GLY A 86 28.26 -11.92 -13.95
CA GLY A 86 28.68 -10.60 -13.60
C GLY A 86 28.31 -9.68 -14.75
N LEU A 87 27.61 -8.61 -14.47
CA LEU A 87 27.22 -7.66 -15.49
C LEU A 87 28.36 -6.70 -15.82
N PRO A 88 28.24 -5.91 -16.90
CA PRO A 88 29.36 -5.02 -17.28
C PRO A 88 29.76 -3.95 -16.27
N ASP A 89 28.86 -3.54 -15.38
CA ASP A 89 29.14 -2.58 -14.33
C ASP A 89 29.69 -3.23 -13.03
N VAL A 90 29.94 -4.52 -13.03
CA VAL A 90 30.42 -5.23 -11.89
C VAL A 90 31.65 -4.65 -11.19
N HIS A 91 31.59 -4.63 -9.89
CA HIS A 91 32.66 -4.15 -9.00
C HIS A 91 32.58 -4.96 -7.70
N SER A 92 33.71 -5.02 -6.99
CA SER A 92 33.80 -5.85 -5.78
C SER A 92 32.83 -5.33 -4.73
N GLY A 93 32.24 -6.26 -3.98
CA GLY A 93 31.30 -5.88 -2.97
C GLY A 93 31.40 -6.82 -1.81
N TYR A 94 30.42 -6.84 -0.92
CA TYR A 94 30.45 -7.72 0.23
C TYR A 94 29.95 -9.12 -0.18
N GLY A 95 30.84 -10.09 -0.24
CA GLY A 95 30.46 -11.44 -0.63
C GLY A 95 30.18 -11.56 -2.12
N PHE A 96 28.97 -11.18 -2.53
CA PHE A 96 28.67 -11.10 -3.97
C PHE A 96 29.26 -9.77 -4.44
N ALA A 97 29.63 -9.70 -5.70
CA ALA A 97 30.10 -8.46 -6.30
C ALA A 97 28.86 -7.62 -6.63
N ILE A 98 28.99 -6.31 -6.60
CA ILE A 98 27.89 -5.38 -7.00
C ILE A 98 27.83 -5.49 -8.53
N GLY A 99 26.71 -5.92 -9.10
CA GLY A 99 26.56 -6.22 -10.53
C GLY A 99 26.70 -7.71 -10.78
N ASN A 100 26.10 -8.52 -9.92
CA ASN A 100 26.16 -9.99 -9.99
C ASN A 100 24.74 -10.55 -9.95
N MET A 101 24.50 -11.68 -10.58
CA MET A 101 23.19 -12.37 -10.56
C MET A 101 23.47 -13.84 -10.26
N ALA A 102 22.86 -14.41 -9.24
CA ALA A 102 22.98 -15.83 -8.94
C ALA A 102 21.57 -16.29 -8.61
N ALA A 103 21.10 -17.37 -9.19
CA ALA A 103 19.74 -17.89 -9.03
C ALA A 103 19.80 -19.33 -8.52
N PHE A 104 18.91 -19.67 -7.59
CA PHE A 104 18.95 -20.96 -6.91
C PHE A 104 17.63 -21.71 -7.10
N ASP A 105 17.74 -23.01 -7.42
CA ASP A 105 16.58 -23.89 -7.56
C ASP A 105 15.88 -24.06 -6.22
N MET A 106 14.67 -23.52 -6.04
CA MET A 106 13.98 -23.58 -4.72
C MET A 106 13.45 -24.99 -4.44
N ASN A 107 13.48 -25.92 -5.39
CA ASN A 107 13.12 -27.34 -5.15
C ASN A 107 14.38 -28.17 -4.83
N ASP A 108 15.56 -27.55 -4.76
CA ASP A 108 16.81 -28.21 -4.30
C ASP A 108 16.86 -27.98 -2.80
N PRO A 109 16.97 -29.01 -1.93
CA PRO A 109 17.01 -28.78 -0.50
C PRO A 109 18.32 -28.14 -0.02
N GLU A 110 19.38 -28.21 -0.81
CA GLU A 110 20.68 -27.57 -0.54
C GLU A 110 20.69 -26.10 -0.98
N ALA A 111 19.71 -25.58 -1.68
CA ALA A 111 19.73 -24.18 -2.12
C ALA A 111 19.64 -23.18 -0.97
N VAL A 112 20.37 -22.07 -1.11
CA VAL A 112 20.46 -21.12 -0.02
C VAL A 112 19.99 -19.72 -0.42
N VAL A 113 19.76 -18.89 0.60
CA VAL A 113 19.59 -17.45 0.46
C VAL A 113 20.76 -16.76 1.14
N SER A 114 21.31 -15.75 0.48
CA SER A 114 22.53 -15.08 0.95
C SER A 114 22.26 -13.58 0.98
N PRO A 115 22.24 -12.97 2.18
CA PRO A 115 22.06 -11.52 2.30
C PRO A 115 23.14 -10.73 1.59
N GLY A 116 24.32 -11.30 1.47
CA GLY A 116 25.35 -10.68 0.66
C GLY A 116 25.01 -10.59 -0.81
N GLY A 117 24.13 -11.45 -1.28
CA GLY A 117 23.64 -11.44 -2.64
C GLY A 117 22.48 -10.49 -2.90
N VAL A 118 22.01 -9.82 -1.84
CA VAL A 118 21.04 -8.77 -1.95
C VAL A 118 21.65 -7.41 -1.71
N GLY A 119 22.42 -7.27 -0.64
CA GLY A 119 23.12 -6.05 -0.30
C GLY A 119 22.58 -5.39 0.93
N PHE A 120 23.40 -4.57 1.57
CA PHE A 120 23.00 -3.87 2.76
C PHE A 120 21.85 -2.89 2.50
N ASP A 121 21.87 -2.17 1.38
CA ASP A 121 20.78 -1.27 1.09
C ASP A 121 19.71 -2.07 0.34
N ILE A 122 18.86 -2.76 1.09
CA ILE A 122 17.85 -3.63 0.53
C ILE A 122 16.83 -2.82 -0.27
N ASN A 123 16.65 -3.15 -1.57
CA ASN A 123 15.80 -2.46 -2.52
C ASN A 123 16.24 -1.01 -2.74
N CYS A 124 17.56 -0.75 -2.66
CA CYS A 124 18.10 0.40 -3.39
C CYS A 124 17.60 0.26 -4.84
N GLY A 125 17.24 1.40 -5.44
CA GLY A 125 16.60 1.35 -6.75
C GLY A 125 16.29 2.73 -7.30
N VAL A 126 15.65 2.73 -8.48
CA VAL A 126 15.43 3.95 -9.25
C VAL A 126 13.97 4.07 -9.71
N ARG A 127 13.45 5.28 -9.62
CA ARG A 127 12.13 5.63 -10.14
C ARG A 127 12.34 6.74 -11.17
N LEU A 128 11.67 6.60 -12.30
CA LEU A 128 11.74 7.59 -13.37
C LEU A 128 10.38 8.24 -13.51
N LEU A 129 10.35 9.57 -13.41
CA LEU A 129 9.17 10.38 -13.63
C LEU A 129 9.31 11.14 -14.93
N ARG A 130 8.22 11.28 -15.65
CA ARG A 130 8.24 12.13 -16.83
C ARG A 130 7.51 13.41 -16.52
N THR A 131 7.66 14.37 -17.42
CA THR A 131 6.89 15.60 -17.36
C THR A 131 6.46 15.99 -18.78
N ASN A 132 5.51 16.92 -18.87
CA ASN A 132 5.23 17.53 -20.15
C ASN A 132 6.02 18.82 -20.37
N LEU A 133 7.08 19.04 -19.62
CA LEU A 133 7.95 20.20 -19.75
C LEU A 133 9.08 19.91 -20.73
N ASP A 134 9.66 21.00 -21.24
CA ASP A 134 10.81 21.05 -22.15
C ASP A 134 11.98 21.70 -21.48
N GLU A 135 13.19 21.43 -21.93
CA GLU A 135 14.41 22.04 -21.37
C GLU A 135 14.35 23.57 -21.42
N SER A 136 13.74 24.18 -22.44
CA SER A 136 13.57 25.64 -22.57
C SER A 136 12.63 26.19 -21.47
N ASP A 137 11.74 25.39 -20.91
CA ASP A 137 10.83 25.75 -19.81
C ASP A 137 11.57 25.72 -18.46
N VAL A 138 12.60 24.90 -18.33
CA VAL A 138 13.32 24.66 -17.05
C VAL A 138 14.59 25.50 -16.94
N GLN A 139 15.34 25.67 -18.03
CA GLN A 139 16.61 26.47 -18.05
C GLN A 139 16.39 27.83 -17.36
N PRO A 140 15.35 28.64 -17.63
CA PRO A 140 15.19 29.92 -16.92
C PRO A 140 14.96 29.85 -15.41
N VAL A 141 14.48 28.74 -14.92
CA VAL A 141 14.24 28.59 -13.51
C VAL A 141 14.98 27.42 -12.93
N LYS A 142 16.05 27.02 -13.58
CA LYS A 142 16.83 25.90 -13.15
C LYS A 142 17.35 25.99 -11.73
N GLU A 143 17.90 27.13 -11.33
CA GLU A 143 18.43 27.25 -10.00
C GLU A 143 17.32 27.23 -8.99
N GLN A 144 16.21 27.86 -9.34
CA GLN A 144 15.07 27.90 -8.48
C GLN A 144 14.50 26.51 -8.27
N LEU A 145 14.49 25.69 -9.30
CA LEU A 145 13.98 24.33 -9.25
C LEU A 145 14.81 23.44 -8.38
N ALA A 146 16.10 23.52 -8.53
CA ALA A 146 17.00 22.71 -7.74
C ALA A 146 16.88 23.07 -6.29
N GLN A 147 16.77 24.36 -5.99
CA GLN A 147 16.61 24.80 -4.65
C GLN A 147 15.33 24.26 -4.08
N ALA A 148 14.24 24.32 -4.84
CA ALA A 148 12.97 23.82 -4.37
C ALA A 148 12.99 22.33 -4.12
N MET A 149 13.71 21.57 -4.91
CA MET A 149 13.81 20.16 -4.69
C MET A 149 14.61 19.87 -3.43
N PHE A 150 15.60 20.68 -3.15
CA PHE A 150 16.40 20.52 -1.98
C PHE A 150 15.67 20.89 -0.71
N ASP A 151 14.86 21.91 -0.77
CA ASP A 151 14.10 22.38 0.39
C ASP A 151 12.99 21.42 0.75
N HIS A 152 12.47 20.76 -0.24
CA HIS A 152 11.40 19.86 -0.08
C HIS A 152 11.79 18.45 0.28
N ILE A 153 12.90 17.98 -0.23
CA ILE A 153 13.32 16.63 0.01
C ILE A 153 14.40 16.48 1.07
N PRO A 154 14.13 15.81 2.20
CA PRO A 154 15.22 15.67 3.17
C PRO A 154 16.39 14.93 2.60
N VAL A 155 17.57 15.52 2.61
CA VAL A 155 18.68 14.90 2.02
C VAL A 155 19.86 15.04 2.95
N GLY A 156 20.65 14.01 3.11
CA GLY A 156 21.78 14.09 3.98
C GLY A 156 21.72 13.04 5.07
N VAL A 157 22.84 12.87 5.74
CA VAL A 157 22.99 11.87 6.75
C VAL A 157 21.99 11.97 7.89
N GLY A 158 21.85 13.09 8.55
CA GLY A 158 20.88 13.14 9.62
C GLY A 158 19.51 13.72 9.37
N SER A 159 19.09 13.82 8.12
CA SER A 159 17.81 14.42 7.81
C SER A 159 16.60 13.60 8.24
N LYS A 160 15.58 14.22 8.79
CA LYS A 160 14.41 13.49 9.21
C LYS A 160 13.35 13.62 8.16
N GLY A 161 12.40 12.71 8.18
CA GLY A 161 11.30 12.72 7.26
C GLY A 161 10.43 13.97 7.36
N VAL A 162 9.87 14.37 6.25
CA VAL A 162 9.03 15.51 6.28
C VAL A 162 7.61 15.04 6.46
N ILE A 163 7.20 14.01 5.75
CA ILE A 163 5.88 13.49 5.93
C ILE A 163 5.88 12.79 7.27
N PRO A 164 5.05 13.26 8.19
CA PRO A 164 5.14 12.71 9.52
C PRO A 164 4.69 11.27 9.61
N MET A 165 5.41 10.44 10.35
CA MET A 165 5.14 9.03 10.48
C MET A 165 5.41 8.52 11.87
N ASN A 166 4.56 7.66 12.38
CA ASN A 166 4.80 7.05 13.65
C ASN A 166 5.00 5.56 13.47
N ALA A 167 5.21 4.83 14.53
CA ALA A 167 5.39 3.41 14.47
C ALA A 167 4.28 2.67 13.75
N LYS A 168 3.03 3.03 13.92
CA LYS A 168 1.98 2.33 13.21
C LYS A 168 2.13 2.46 11.70
N ASP A 169 2.40 3.65 11.22
CA ASP A 169 2.61 3.89 9.81
C ASP A 169 3.77 3.07 9.29
N LEU A 170 4.85 2.97 10.04
CA LEU A 170 6.00 2.21 9.62
C LEU A 170 5.62 0.77 9.50
N GLU A 171 4.89 0.27 10.46
CA GLU A 171 4.43 -1.07 10.49
C GLU A 171 3.56 -1.36 9.27
N GLU A 172 2.67 -0.44 8.93
CA GLU A 172 1.83 -0.58 7.77
C GLU A 172 2.63 -0.46 6.51
N ALA A 173 3.60 0.43 6.49
CA ALA A 173 4.44 0.55 5.34
C ALA A 173 5.30 -0.67 5.10
N LEU A 174 5.70 -1.38 6.11
CA LEU A 174 6.50 -2.58 5.92
C LEU A 174 5.69 -3.68 5.27
N GLU A 175 4.42 -3.74 5.59
CA GLU A 175 3.51 -4.70 5.08
C GLU A 175 2.89 -4.28 3.78
N MET A 176 2.57 -3.03 3.61
CA MET A 176 1.86 -2.62 2.43
C MET A 176 2.61 -2.04 1.26
N GLY A 177 3.82 -1.54 1.46
CA GLY A 177 4.56 -0.91 0.41
C GLY A 177 3.83 0.27 -0.19
N VAL A 178 3.83 0.39 -1.51
CA VAL A 178 3.15 1.51 -2.18
C VAL A 178 1.66 1.66 -1.85
N ASP A 179 0.97 0.58 -1.55
CA ASP A 179 -0.38 0.57 -1.11
C ASP A 179 -0.61 1.48 0.10
N TRP A 180 0.28 1.57 1.06
CA TRP A 180 0.13 2.52 2.14
C TRP A 180 0.20 3.93 1.56
N SER A 181 1.12 4.16 0.64
CA SER A 181 1.23 5.47 0.03
C SER A 181 -0.01 5.85 -0.77
N LEU A 182 -0.58 4.90 -1.46
CA LEU A 182 -1.78 5.12 -2.24
C LEU A 182 -2.97 5.40 -1.34
N ARG A 183 -3.13 4.59 -0.32
CA ARG A 183 -4.20 4.73 0.61
C ARG A 183 -4.21 6.07 1.30
N GLU A 184 -3.06 6.59 1.66
CA GLU A 184 -2.97 7.88 2.28
C GLU A 184 -2.83 9.04 1.35
N GLY A 185 -2.93 8.86 0.05
CA GLY A 185 -2.87 9.96 -0.86
C GLY A 185 -1.55 10.43 -1.36
N TYR A 186 -0.46 9.84 -0.92
CA TYR A 186 0.83 10.26 -1.37
C TYR A 186 1.21 9.66 -2.72
N ALA A 187 0.65 8.54 -3.07
CA ALA A 187 0.93 7.93 -4.34
C ALA A 187 -0.29 7.96 -5.24
N TRP A 188 -0.10 8.08 -6.53
CA TRP A 188 -1.15 8.02 -7.50
C TRP A 188 -1.36 6.57 -7.86
N ALA A 189 -2.56 6.20 -8.28
CA ALA A 189 -2.86 4.83 -8.65
C ALA A 189 -1.96 4.30 -9.77
N GLU A 190 -1.64 5.12 -10.73
CA GLU A 190 -0.75 4.70 -11.79
C GLU A 190 0.70 4.42 -11.36
N ASP A 191 1.16 5.01 -10.26
CA ASP A 191 2.45 4.76 -9.71
C ASP A 191 2.62 3.32 -9.37
N LYS A 192 1.61 2.76 -8.73
CA LYS A 192 1.64 1.38 -8.34
C LYS A 192 1.67 0.49 -9.56
N GLU A 193 0.92 0.84 -10.58
CA GLU A 193 0.84 0.06 -11.78
C GLU A 193 2.15 -0.02 -12.51
N HIS A 194 2.93 1.04 -12.48
CA HIS A 194 4.20 1.07 -13.13
C HIS A 194 5.36 0.87 -12.17
N CYS A 195 5.27 -0.09 -11.30
CA CYS A 195 6.28 -0.29 -10.33
C CYS A 195 6.57 -1.77 -10.30
N GLU A 196 7.84 -2.15 -10.21
CA GLU A 196 8.21 -3.55 -10.10
C GLU A 196 7.55 -4.11 -8.84
N GLU A 197 6.89 -5.27 -9.00
CA GLU A 197 6.11 -5.98 -8.00
C GLU A 197 4.85 -5.22 -7.55
N TYR A 198 4.40 -4.23 -8.32
CA TYR A 198 3.36 -3.29 -7.99
C TYR A 198 3.56 -2.63 -6.60
N GLY A 199 4.80 -2.31 -6.27
CA GLY A 199 5.23 -1.78 -5.00
C GLY A 199 4.89 -2.56 -3.75
N ARG A 200 4.63 -3.85 -3.83
CA ARG A 200 4.24 -4.57 -2.66
C ARG A 200 4.64 -6.00 -2.68
N MET A 201 5.58 -6.40 -1.87
CA MET A 201 5.92 -7.78 -1.80
C MET A 201 4.96 -8.42 -0.80
N LEU A 202 4.23 -9.43 -1.23
CA LEU A 202 3.23 -10.07 -0.40
C LEU A 202 3.84 -10.90 0.69
N GLN A 203 5.02 -11.40 0.47
CA GLN A 203 5.66 -12.20 1.47
C GLN A 203 6.26 -11.44 2.67
N ALA A 204 6.29 -10.13 2.66
CA ALA A 204 6.76 -9.38 3.78
C ALA A 204 6.05 -9.68 5.09
N ASP A 205 6.79 -9.65 6.19
CA ASP A 205 6.27 -9.90 7.50
C ASP A 205 6.96 -8.90 8.37
N PRO A 206 6.26 -7.88 8.84
CA PRO A 206 6.92 -6.93 9.72
C PRO A 206 7.44 -7.51 11.02
N ASN A 207 7.00 -8.68 11.46
CA ASN A 207 7.55 -9.32 12.65
C ASN A 207 9.00 -9.82 12.51
N LYS A 208 9.51 -9.95 11.31
CA LYS A 208 10.86 -10.34 11.08
C LYS A 208 11.86 -9.18 10.95
N VAL A 209 11.41 -7.97 11.18
CA VAL A 209 12.25 -6.84 11.18
C VAL A 209 12.44 -6.49 12.64
N SER A 210 13.67 -6.39 13.10
CA SER A 210 13.95 -6.15 14.48
C SER A 210 13.59 -4.79 14.99
N ALA A 211 13.54 -4.68 16.30
CA ALA A 211 13.22 -3.45 16.97
C ALA A 211 14.21 -2.35 16.67
N ARG A 212 15.47 -2.69 16.58
CA ARG A 212 16.50 -1.74 16.26
C ARG A 212 16.34 -1.23 14.86
N ALA A 213 15.97 -2.11 13.94
CA ALA A 213 15.76 -1.74 12.56
C ALA A 213 14.66 -0.73 12.43
N LYS A 214 13.59 -0.94 13.18
CA LYS A 214 12.44 -0.08 13.19
C LYS A 214 12.71 1.25 13.85
N LYS A 215 13.54 1.25 14.85
CA LYS A 215 13.87 2.46 15.52
C LYS A 215 14.69 3.33 14.59
N ARG A 216 15.60 2.73 13.86
CA ARG A 216 16.42 3.44 12.92
C ARG A 216 15.62 3.87 11.75
N GLY A 217 14.79 2.97 11.28
CA GLY A 217 13.95 3.20 10.15
C GLY A 217 12.94 4.28 10.20
N LEU A 218 12.21 4.38 11.30
CA LEU A 218 11.13 5.32 11.42
C LEU A 218 11.45 6.76 11.06
N PRO A 219 12.53 7.35 11.57
CA PRO A 219 12.78 8.72 11.18
C PRO A 219 13.41 8.91 9.82
N GLN A 220 13.83 7.86 9.17
CA GLN A 220 14.41 7.98 7.88
C GLN A 220 13.44 7.66 6.76
N LEU A 221 12.23 7.25 7.09
CA LEU A 221 11.28 6.92 6.05
C LEU A 221 10.86 8.26 5.46
N GLY A 222 10.99 8.43 4.17
CA GLY A 222 10.70 9.71 3.60
C GLY A 222 11.93 10.57 3.48
N THR A 223 13.12 9.99 3.40
CA THR A 223 14.40 10.71 3.24
C THR A 223 15.31 10.04 2.18
N LEU A 224 16.14 10.83 1.54
CA LEU A 224 17.03 10.36 0.49
C LEU A 224 18.25 9.60 0.93
N GLY A 225 18.96 10.06 1.94
CA GLY A 225 20.19 9.43 2.34
C GLY A 225 21.34 10.21 1.75
N ALA A 226 22.42 9.57 1.39
CA ALA A 226 23.59 10.28 0.91
C ALA A 226 24.43 9.42 -0.04
N GLY A 227 25.63 9.85 -0.45
CA GLY A 227 26.47 9.07 -1.31
C GLY A 227 25.85 9.00 -2.69
N ASN A 228 25.60 7.80 -3.21
CA ASN A 228 25.00 7.63 -4.53
C ASN A 228 23.56 8.02 -4.67
N HIS A 229 22.86 8.31 -3.60
CA HIS A 229 21.46 8.65 -3.68
C HIS A 229 21.24 10.05 -4.29
N TYR A 230 20.23 10.21 -5.13
CA TYR A 230 20.00 11.49 -5.77
C TYR A 230 18.58 11.70 -6.27
N ALA A 231 18.24 12.94 -6.50
CA ALA A 231 17.02 13.27 -7.17
C ALA A 231 17.61 14.08 -8.30
N GLU A 232 17.39 13.66 -9.54
CA GLU A 232 17.99 14.33 -10.66
C GLU A 232 17.03 14.78 -11.75
N ILE A 233 17.12 16.02 -12.19
CA ILE A 233 16.25 16.48 -13.24
C ILE A 233 16.99 16.28 -14.56
N GLN A 234 16.37 15.58 -15.50
CA GLN A 234 17.03 15.24 -16.73
C GLN A 234 16.27 15.63 -18.02
N VAL A 235 16.99 15.75 -19.12
CA VAL A 235 16.42 16.06 -20.44
C VAL A 235 16.60 14.88 -21.36
N VAL A 236 15.60 14.54 -22.14
CA VAL A 236 15.75 13.44 -23.07
C VAL A 236 16.70 13.87 -24.15
N ASP A 237 17.82 13.19 -24.28
CA ASP A 237 18.82 13.56 -25.23
C ASP A 237 18.77 12.82 -26.55
N GLU A 238 18.34 11.58 -26.52
CA GLU A 238 18.22 10.79 -27.70
C GLU A 238 17.17 9.74 -27.45
N ILE A 239 16.51 9.31 -28.52
CA ILE A 239 15.52 8.28 -28.40
C ILE A 239 15.97 7.14 -29.31
N PHE A 240 16.28 5.98 -28.77
CA PHE A 240 16.73 4.87 -29.58
C PHE A 240 15.60 3.99 -30.08
N ASN A 241 14.58 3.86 -29.27
CA ASN A 241 13.46 3.04 -29.58
C ASN A 241 12.23 3.92 -29.48
N GLU A 242 11.79 4.47 -30.59
CA GLU A 242 10.66 5.38 -30.60
C GLU A 242 9.40 4.80 -30.04
N TYR A 243 9.11 3.56 -30.41
CA TYR A 243 7.93 2.93 -29.98
C TYR A 243 7.90 2.78 -28.48
N ALA A 244 8.98 2.32 -27.91
CA ALA A 244 9.07 2.17 -26.48
C ALA A 244 9.02 3.50 -25.74
N ALA A 245 9.61 4.51 -26.30
CA ALA A 245 9.56 5.77 -25.66
C ALA A 245 8.14 6.29 -25.66
N LYS A 246 7.41 6.11 -26.75
CA LYS A 246 6.04 6.53 -26.83
C LYS A 246 5.16 5.88 -25.76
N LYS A 247 5.40 4.62 -25.44
CA LYS A 247 4.66 3.93 -24.39
C LYS A 247 5.03 4.38 -22.99
N MET A 248 6.17 5.01 -22.82
CA MET A 248 6.60 5.55 -21.57
C MET A 248 6.20 7.02 -21.47
N GLY A 249 5.58 7.59 -22.48
CA GLY A 249 5.15 8.96 -22.50
C GLY A 249 6.18 9.91 -23.00
N ILE A 250 7.28 9.41 -23.49
CA ILE A 250 8.34 10.26 -23.98
C ILE A 250 8.26 10.38 -25.50
N ASP A 251 8.06 11.57 -26.05
CA ASP A 251 7.97 11.66 -27.49
C ASP A 251 8.93 12.55 -28.22
N HIS A 252 9.79 13.28 -27.55
CA HIS A 252 10.74 14.13 -28.25
C HIS A 252 11.94 14.47 -27.41
N LYS A 253 13.02 14.82 -28.06
CA LYS A 253 14.22 15.20 -27.39
C LYS A 253 13.94 16.55 -26.79
N GLY A 254 14.39 16.80 -25.59
CA GLY A 254 14.10 18.03 -24.93
C GLY A 254 13.11 17.85 -23.81
N GLN A 255 12.43 16.71 -23.76
CA GLN A 255 11.46 16.45 -22.73
C GLN A 255 12.14 16.35 -21.37
N VAL A 256 11.56 16.91 -20.34
CA VAL A 256 12.14 16.85 -19.03
C VAL A 256 11.64 15.65 -18.19
N CYS A 257 12.55 14.95 -17.53
CA CYS A 257 12.25 13.82 -16.67
C CYS A 257 12.90 13.97 -15.29
N VAL A 258 12.47 13.21 -14.29
CA VAL A 258 13.12 13.21 -13.00
C VAL A 258 13.50 11.77 -12.57
N MET A 259 14.72 11.59 -12.10
CA MET A 259 15.15 10.29 -11.70
C MET A 259 15.47 10.29 -10.21
N ILE A 260 14.93 9.36 -9.47
CA ILE A 260 15.13 9.30 -8.08
C ILE A 260 15.79 8.00 -7.68
N HIS A 261 16.87 8.04 -6.92
CA HIS A 261 17.58 6.84 -6.53
C HIS A 261 17.74 6.71 -5.00
N SER A 262 17.13 5.71 -4.38
CA SER A 262 17.21 5.52 -2.97
C SER A 262 16.86 4.11 -2.61
N GLY A 263 17.14 3.74 -1.38
CA GLY A 263 16.86 2.43 -0.88
C GLY A 263 16.10 2.36 0.41
N SER A 264 16.44 1.40 1.27
CA SER A 264 15.72 1.27 2.51
C SER A 264 16.32 1.86 3.77
N ARG A 265 17.27 2.74 3.59
CA ARG A 265 17.91 3.48 4.65
C ARG A 265 18.37 2.63 5.88
N GLY A 266 18.27 3.09 7.12
CA GLY A 266 18.72 2.31 8.23
C GLY A 266 17.98 1.04 8.51
N LEU A 267 16.72 0.98 8.17
CA LEU A 267 15.95 -0.20 8.38
C LEU A 267 16.53 -1.36 7.60
N GLY A 268 16.75 -1.16 6.32
CA GLY A 268 17.28 -2.17 5.48
C GLY A 268 18.67 -2.58 5.84
N HIS A 269 19.51 -1.65 6.21
CA HIS A 269 20.85 -1.96 6.58
C HIS A 269 20.86 -2.83 7.83
N GLN A 270 20.01 -2.54 8.78
CA GLN A 270 19.93 -3.33 9.96
C GLN A 270 19.43 -4.73 9.68
N VAL A 271 18.39 -4.87 8.86
CA VAL A 271 17.85 -6.15 8.47
C VAL A 271 18.94 -6.95 7.82
N ALA A 272 19.69 -6.36 6.92
CA ALA A 272 20.77 -7.11 6.31
C ALA A 272 21.78 -7.55 7.37
N THR A 273 22.14 -6.65 8.26
CA THR A 273 23.11 -6.90 9.31
C THR A 273 22.67 -7.98 10.30
N ASP A 274 21.40 -7.95 10.67
CA ASP A 274 20.85 -8.93 11.56
C ASP A 274 20.92 -10.32 10.94
N ALA A 275 20.65 -10.42 9.65
CA ALA A 275 20.69 -11.66 8.94
C ALA A 275 22.08 -12.28 8.87
N LEU A 276 23.09 -11.45 8.69
CA LEU A 276 24.44 -11.93 8.61
C LEU A 276 24.87 -12.48 9.95
N VAL A 277 24.45 -11.82 11.02
CA VAL A 277 24.78 -12.31 12.31
C VAL A 277 24.12 -13.64 12.53
N ALA A 278 22.84 -13.71 12.26
CA ALA A 278 22.08 -14.88 12.45
C ALA A 278 22.52 -16.03 11.61
N MET A 279 23.03 -15.77 10.42
CA MET A 279 23.43 -16.85 9.56
C MET A 279 24.67 -17.64 9.92
N GLU A 280 25.51 -17.10 10.78
CA GLU A 280 26.65 -17.88 11.20
C GLU A 280 26.17 -19.13 11.91
N LYS A 281 25.20 -19.03 12.79
CA LYS A 281 24.70 -20.20 13.46
C LYS A 281 24.08 -21.16 12.49
N ALA A 282 23.35 -20.67 11.52
CA ALA A 282 22.73 -21.57 10.58
C ALA A 282 23.75 -22.40 9.82
N MET A 283 24.84 -21.80 9.40
CA MET A 283 25.80 -22.53 8.61
C MET A 283 26.45 -23.71 9.30
N LYS A 284 26.84 -23.56 10.55
CA LYS A 284 27.46 -24.63 11.29
C LYS A 284 26.48 -25.75 11.47
N ARG A 285 25.34 -25.44 12.03
CA ARG A 285 24.31 -26.42 12.24
C ARG A 285 23.92 -27.15 10.98
N ASP A 286 23.77 -26.46 9.86
CA ASP A 286 23.34 -27.13 8.66
C ASP A 286 24.45 -27.54 7.69
N LYS A 287 25.69 -27.50 8.14
CA LYS A 287 26.84 -27.91 7.37
C LYS A 287 26.94 -27.26 6.01
N ILE A 288 27.01 -25.95 6.02
CA ILE A 288 27.13 -25.12 4.83
C ILE A 288 28.54 -24.58 4.72
N ILE A 289 29.19 -24.79 3.58
CA ILE A 289 30.58 -24.39 3.36
C ILE A 289 30.66 -23.36 2.24
N VAL A 290 31.42 -22.29 2.48
CA VAL A 290 31.56 -21.20 1.53
C VAL A 290 33.04 -20.86 1.39
N ASN A 291 33.39 -20.29 0.25
CA ASN A 291 34.77 -19.89 0.01
C ASN A 291 35.16 -18.63 0.76
N ASP A 292 34.19 -17.82 1.14
CA ASP A 292 34.33 -16.47 1.65
C ASP A 292 33.27 -16.28 2.71
N ARG A 293 33.67 -15.84 3.88
CA ARG A 293 32.74 -15.62 4.98
C ARG A 293 31.71 -14.55 4.65
N GLN A 294 32.03 -13.67 3.72
CA GLN A 294 31.05 -12.68 3.33
C GLN A 294 29.88 -13.31 2.58
N LEU A 295 30.03 -14.55 2.12
CA LEU A 295 28.94 -15.27 1.48
C LEU A 295 28.09 -16.03 2.47
N ALA A 296 28.08 -15.61 3.73
CA ALA A 296 27.29 -16.31 4.74
C ALA A 296 25.83 -16.47 4.31
N CYS A 297 25.30 -17.68 4.43
CA CYS A 297 23.99 -17.94 3.89
C CYS A 297 23.26 -18.99 4.72
N ALA A 298 22.01 -19.20 4.37
CA ALA A 298 21.15 -20.12 5.08
C ALA A 298 20.32 -20.89 4.07
N ARG A 299 19.94 -22.11 4.43
CA ARG A 299 19.01 -22.84 3.58
C ARG A 299 17.73 -22.02 3.44
N ILE A 300 17.20 -21.99 2.23
CA ILE A 300 15.98 -21.24 1.98
C ILE A 300 14.85 -21.70 2.90
N ALA A 301 14.74 -23.00 3.10
CA ALA A 301 13.66 -23.57 3.89
C ALA A 301 13.86 -23.42 5.40
N SER A 302 15.10 -23.18 5.84
CA SER A 302 15.41 -23.05 7.26
C SER A 302 14.74 -21.82 7.86
N PRO A 303 14.57 -21.78 9.18
CA PRO A 303 14.00 -20.57 9.80
C PRO A 303 14.84 -19.35 9.55
N GLU A 304 16.17 -19.50 9.53
CA GLU A 304 17.01 -18.34 9.24
C GLU A 304 16.78 -17.83 7.82
N GLY A 305 16.71 -18.73 6.84
CA GLY A 305 16.48 -18.28 5.47
C GLY A 305 15.12 -17.63 5.31
N GLN A 306 14.08 -18.21 5.93
CA GLN A 306 12.73 -17.69 5.82
C GLN A 306 12.61 -16.37 6.56
N ASP A 307 13.14 -16.27 7.78
CA ASP A 307 13.05 -15.00 8.49
C ASP A 307 13.71 -13.88 7.70
N TYR A 308 14.86 -14.16 7.09
CA TYR A 308 15.50 -13.11 6.33
C TYR A 308 14.69 -12.73 5.11
N LEU A 309 14.20 -13.72 4.35
CA LEU A 309 13.42 -13.42 3.15
C LEU A 309 12.22 -12.57 3.45
N LYS A 310 11.54 -12.85 4.55
CA LYS A 310 10.36 -12.06 4.92
C LYS A 310 10.74 -10.65 5.35
N GLY A 311 11.86 -10.53 6.08
CA GLY A 311 12.32 -9.22 6.50
C GLY A 311 12.90 -8.43 5.36
N MET A 312 13.56 -9.12 4.44
CA MET A 312 13.99 -8.49 3.20
C MET A 312 12.80 -7.89 2.45
N ALA A 313 11.71 -8.67 2.31
CA ALA A 313 10.55 -8.18 1.58
C ALA A 313 9.95 -6.99 2.29
N ALA A 314 9.93 -7.04 3.62
CA ALA A 314 9.43 -5.88 4.34
C ALA A 314 10.33 -4.67 4.10
N ALA A 315 11.64 -4.86 4.10
CA ALA A 315 12.53 -3.73 3.81
C ALA A 315 12.32 -3.26 2.38
N GLY A 316 12.04 -4.22 1.48
CA GLY A 316 11.71 -3.85 0.13
C GLY A 316 10.53 -2.89 0.05
N ASN A 317 9.45 -3.22 0.76
CA ASN A 317 8.25 -2.37 0.81
C ASN A 317 8.58 -1.00 1.38
N TYR A 318 9.44 -0.95 2.38
CA TYR A 318 9.91 0.32 2.95
C TYR A 318 10.54 1.18 1.87
N ALA A 319 11.48 0.60 1.11
CA ALA A 319 12.11 1.38 0.08
C ALA A 319 11.06 1.88 -0.94
N TRP A 320 10.01 1.07 -1.28
CA TRP A 320 9.02 1.59 -2.25
C TRP A 320 8.25 2.78 -1.67
N VAL A 321 7.85 2.72 -0.39
CA VAL A 321 7.22 3.87 0.26
C VAL A 321 8.13 5.08 0.27
N ASN A 322 9.44 4.85 0.52
CA ASN A 322 10.41 5.92 0.56
C ASN A 322 10.54 6.59 -0.80
N ARG A 323 10.67 5.81 -1.86
CA ARG A 323 10.72 6.43 -3.18
C ARG A 323 9.38 7.09 -3.52
N SER A 324 8.27 6.55 -2.99
CA SER A 324 6.97 7.17 -3.21
C SER A 324 6.91 8.54 -2.52
N SER A 325 7.36 8.60 -1.25
CA SER A 325 7.41 9.89 -0.57
C SER A 325 8.24 10.90 -1.36
N MET A 326 9.44 10.48 -1.79
CA MET A 326 10.32 11.37 -2.55
C MET A 326 9.60 11.91 -3.77
N THR A 327 8.77 11.09 -4.38
CA THR A 327 8.01 11.45 -5.56
C THR A 327 6.95 12.48 -5.25
N PHE A 328 6.28 12.30 -4.14
CA PHE A 328 5.27 13.21 -3.72
C PHE A 328 5.89 14.55 -3.47
N LEU A 329 7.02 14.59 -2.79
CA LEU A 329 7.72 15.82 -2.51
C LEU A 329 8.22 16.46 -3.79
N THR A 330 8.68 15.64 -4.70
CA THR A 330 9.14 16.14 -5.97
C THR A 330 8.03 16.76 -6.75
N ARG A 331 6.87 16.13 -6.76
CA ARG A 331 5.75 16.68 -7.45
C ARG A 331 5.36 18.02 -6.83
N GLN A 332 5.48 18.10 -5.53
CA GLN A 332 5.17 19.28 -4.79
C GLN A 332 6.09 20.44 -5.13
N ALA A 333 7.36 20.18 -5.22
CA ALA A 333 8.33 21.18 -5.56
C ALA A 333 8.14 21.70 -6.99
N PHE A 334 7.84 20.83 -7.92
CA PHE A 334 7.64 21.20 -9.28
C PHE A 334 6.39 22.02 -9.42
N ALA A 335 5.39 21.66 -8.67
CA ALA A 335 4.15 22.33 -8.69
C ALA A 335 4.32 23.76 -8.24
N LYS A 336 5.09 23.97 -7.19
CA LYS A 336 5.36 25.26 -6.66
C LYS A 336 6.14 26.17 -7.59
N VAL A 337 7.19 25.67 -8.18
CA VAL A 337 8.00 26.46 -9.07
C VAL A 337 7.24 26.88 -10.31
N PHE A 338 6.45 25.97 -10.86
CA PHE A 338 5.69 26.23 -12.05
C PHE A 338 4.25 26.68 -11.84
N ASN A 339 3.87 26.88 -10.58
CA ASN A 339 2.55 27.39 -10.20
C ASN A 339 1.42 26.63 -10.92
N THR A 340 1.55 25.31 -11.01
CA THR A 340 0.49 24.48 -11.55
C THR A 340 0.41 23.17 -10.77
N THR A 341 -0.59 22.36 -11.10
CA THR A 341 -0.71 21.09 -10.38
C THR A 341 0.23 20.05 -10.97
N PRO A 342 0.65 19.06 -10.18
CA PRO A 342 1.46 17.98 -10.78
C PRO A 342 0.76 17.27 -11.93
N ASP A 343 -0.57 17.15 -11.89
CA ASP A 343 -1.30 16.51 -12.98
C ASP A 343 -1.18 17.27 -14.31
N ASP A 344 -1.16 18.61 -14.25
CA ASP A 344 -1.06 19.43 -15.44
C ASP A 344 0.37 19.39 -16.01
N LEU A 345 1.36 19.04 -15.20
CA LEU A 345 2.72 18.82 -15.63
C LEU A 345 2.96 17.39 -16.09
N ASP A 346 1.95 16.53 -16.05
CA ASP A 346 2.07 15.16 -16.53
C ASP A 346 3.17 14.41 -15.78
N LEU A 347 3.23 14.58 -14.48
CA LEU A 347 4.34 14.06 -13.68
C LEU A 347 4.11 12.60 -13.24
N HIS A 348 3.91 11.75 -14.24
CA HIS A 348 3.63 10.36 -13.94
C HIS A 348 4.88 9.51 -13.82
N VAL A 349 4.71 8.40 -13.12
CA VAL A 349 5.79 7.43 -12.97
C VAL A 349 5.91 6.61 -14.25
N ILE A 350 7.10 6.65 -14.87
CA ILE A 350 7.38 5.73 -15.95
C ILE A 350 7.58 4.32 -15.42
N TYR A 351 8.44 4.17 -14.42
CA TYR A 351 8.69 2.86 -13.84
C TYR A 351 9.51 3.03 -12.58
N ASP A 352 9.58 1.96 -11.81
CA ASP A 352 10.33 1.89 -10.58
C ASP A 352 10.92 0.49 -10.54
N VAL A 353 12.26 0.37 -10.61
CA VAL A 353 12.93 -0.91 -10.51
C VAL A 353 13.87 -0.92 -9.31
N SER A 354 14.03 -2.09 -8.73
CA SER A 354 15.04 -2.37 -7.71
C SER A 354 16.32 -2.77 -8.44
N HIS A 355 17.46 -2.58 -7.77
CA HIS A 355 18.68 -3.27 -8.19
C HIS A 355 19.38 -3.85 -6.97
N ASN A 356 18.62 -4.20 -5.93
CA ASN A 356 19.13 -4.90 -4.73
C ASN A 356 18.06 -5.77 -4.03
N ILE A 357 17.81 -6.97 -4.52
CA ILE A 357 16.72 -7.78 -4.00
C ILE A 357 16.84 -9.22 -4.46
N ALA A 358 16.23 -10.13 -3.72
CA ALA A 358 16.06 -11.52 -4.13
C ALA A 358 14.59 -11.78 -4.42
N LYS A 359 14.30 -12.33 -5.59
CA LYS A 359 12.93 -12.50 -6.07
C LYS A 359 12.66 -13.95 -6.36
N VAL A 360 11.41 -14.39 -6.13
CA VAL A 360 11.00 -15.74 -6.51
C VAL A 360 10.37 -15.70 -7.89
N GLU A 361 11.02 -16.36 -8.85
CA GLU A 361 10.62 -16.21 -10.24
C GLU A 361 10.62 -17.55 -10.94
N GLN A 362 9.73 -17.66 -11.96
CA GLN A 362 9.67 -18.83 -12.85
C GLN A 362 10.64 -18.63 -14.00
N HIS A 363 11.49 -19.63 -14.27
CA HIS A 363 12.49 -19.50 -15.32
C HIS A 363 12.75 -20.89 -15.92
N VAL A 364 12.98 -20.93 -17.23
CA VAL A 364 13.39 -22.16 -17.89
C VAL A 364 14.91 -22.29 -17.75
N VAL A 365 15.34 -23.39 -17.12
CA VAL A 365 16.75 -23.72 -16.95
C VAL A 365 16.92 -25.23 -17.10
N ASP A 366 17.88 -25.64 -17.92
CA ASP A 366 18.13 -27.05 -18.15
C ASP A 366 16.85 -27.73 -18.66
N GLY A 367 16.20 -27.06 -19.61
CA GLY A 367 15.05 -27.61 -20.30
C GLY A 367 13.69 -27.48 -19.64
N LYS A 368 13.61 -27.41 -18.32
CA LYS A 368 12.33 -27.34 -17.64
C LYS A 368 12.14 -26.00 -16.93
N GLU A 369 10.91 -25.51 -16.92
CA GLU A 369 10.58 -24.33 -16.14
C GLU A 369 10.60 -24.69 -14.67
N ARG A 370 11.27 -23.86 -13.87
CA ARG A 370 11.52 -24.12 -12.46
C ARG A 370 11.32 -22.83 -11.67
N THR A 371 11.13 -22.98 -10.37
CA THR A 371 10.94 -21.84 -9.48
C THR A 371 12.27 -21.49 -8.81
N LEU A 372 12.78 -20.31 -9.13
CA LEU A 372 14.10 -19.90 -8.69
C LEU A 372 14.01 -18.74 -7.73
N LEU A 373 14.98 -18.72 -6.79
CA LEU A 373 15.30 -17.54 -5.97
C LEU A 373 16.44 -16.80 -6.65
N VAL A 374 16.13 -15.68 -7.27
CA VAL A 374 17.08 -14.93 -8.10
C VAL A 374 17.64 -13.81 -7.22
N HIS A 375 18.94 -13.91 -6.90
CA HIS A 375 19.65 -12.83 -6.21
C HIS A 375 20.14 -11.82 -7.24
N ARG A 376 19.70 -10.57 -7.10
CA ARG A 376 20.16 -9.47 -7.94
C ARG A 376 20.75 -8.40 -7.02
N LYS A 377 22.06 -8.44 -6.84
CA LYS A 377 22.78 -7.43 -6.08
C LYS A 377 23.51 -6.54 -7.07
N GLY A 378 23.12 -5.27 -7.10
CA GLY A 378 23.66 -4.32 -8.06
C GLY A 378 23.33 -4.59 -9.50
N SER A 379 22.28 -5.38 -9.76
CA SER A 379 21.77 -5.66 -11.09
C SER A 379 20.26 -5.53 -11.13
N THR A 380 19.70 -5.35 -12.32
CA THR A 380 18.30 -5.00 -12.47
C THR A 380 17.50 -6.06 -13.25
N ARG A 381 16.33 -6.43 -12.71
CA ARG A 381 15.42 -7.27 -13.45
C ARG A 381 15.00 -6.54 -14.72
N ALA A 382 14.87 -7.29 -15.76
CA ALA A 382 14.58 -6.82 -17.05
C ALA A 382 13.75 -7.92 -17.75
N PHE A 383 12.52 -8.00 -17.33
CA PHE A 383 11.61 -8.95 -17.86
C PHE A 383 11.29 -8.63 -19.34
N PRO A 384 11.09 -9.66 -20.14
CA PRO A 384 10.88 -9.47 -21.57
C PRO A 384 9.47 -9.11 -21.98
N PRO A 385 9.25 -8.86 -23.26
CA PRO A 385 7.92 -8.65 -23.77
C PRO A 385 7.09 -9.88 -23.59
N HIS A 386 5.83 -9.61 -23.32
CA HIS A 386 4.78 -10.55 -23.03
C HIS A 386 4.86 -11.28 -21.71
N HIS A 387 5.58 -10.76 -20.74
CA HIS A 387 5.67 -11.39 -19.43
C HIS A 387 4.39 -11.08 -18.71
N PRO A 388 3.74 -12.07 -18.14
CA PRO A 388 2.45 -11.83 -17.52
C PRO A 388 2.40 -10.88 -16.36
N LEU A 389 3.43 -10.85 -15.57
CA LEU A 389 3.51 -9.97 -14.44
C LEU A 389 3.79 -8.50 -14.66
N ILE A 390 4.25 -8.06 -15.81
CA ILE A 390 4.48 -6.63 -15.97
C ILE A 390 3.22 -5.96 -16.47
N ALA A 391 3.14 -4.67 -16.26
CA ALA A 391 1.97 -3.94 -16.63
C ALA A 391 1.60 -3.98 -18.11
N VAL A 392 0.34 -3.73 -18.38
CA VAL A 392 -0.19 -3.80 -19.72
C VAL A 392 0.48 -2.86 -20.68
N ASP A 393 0.88 -1.70 -20.20
CA ASP A 393 1.55 -0.70 -21.04
C ASP A 393 2.92 -1.13 -21.52
N TYR A 394 3.56 -2.07 -20.84
CA TYR A 394 4.88 -2.53 -21.24
C TYR A 394 4.89 -3.97 -21.78
N GLN A 395 3.72 -4.46 -22.14
CA GLN A 395 3.58 -5.81 -22.67
C GLN A 395 4.33 -6.02 -23.99
N LEU A 396 4.30 -5.01 -24.85
CA LEU A 396 4.96 -5.12 -26.14
C LEU A 396 6.39 -4.59 -26.12
N THR A 397 6.68 -3.66 -25.22
CA THR A 397 8.02 -3.13 -25.11
C THR A 397 8.95 -4.04 -24.34
N GLY A 398 8.40 -4.78 -23.39
CA GLY A 398 9.19 -5.36 -22.35
C GLY A 398 9.39 -4.34 -21.24
N GLN A 399 9.96 -4.81 -20.13
CA GLN A 399 9.99 -4.04 -18.89
C GLN A 399 11.01 -2.90 -18.95
N PRO A 400 10.63 -1.67 -18.61
CA PRO A 400 11.62 -0.59 -18.55
C PRO A 400 12.66 -0.87 -17.46
N VAL A 401 13.87 -0.39 -17.72
CA VAL A 401 15.07 -0.57 -16.91
C VAL A 401 15.72 0.81 -16.77
N LEU A 402 15.91 1.25 -15.54
CA LEU A 402 16.38 2.61 -15.26
C LEU A 402 17.84 2.52 -14.84
N ILE A 403 18.72 3.08 -15.65
CA ILE A 403 20.17 3.03 -15.45
C ILE A 403 20.66 4.44 -15.20
N GLY A 404 20.95 4.79 -13.95
CA GLY A 404 21.61 6.04 -13.70
C GLY A 404 23.10 5.93 -13.99
N GLY A 405 23.65 6.95 -14.64
CA GLY A 405 25.07 7.00 -14.95
C GLY A 405 25.84 7.73 -13.86
N THR A 406 26.01 9.05 -14.00
CA THR A 406 26.58 9.91 -12.97
C THR A 406 25.91 11.28 -13.05
N MET A 407 26.16 12.14 -12.10
CA MET A 407 25.57 13.46 -12.09
C MET A 407 26.13 14.37 -13.18
N GLY A 408 27.29 14.07 -13.71
CA GLY A 408 27.84 14.85 -14.77
C GLY A 408 27.92 14.23 -16.12
N THR A 409 27.33 13.07 -16.33
CA THR A 409 27.43 12.48 -17.64
C THR A 409 26.05 12.26 -18.26
N CYS A 410 25.42 11.11 -18.09
CA CYS A 410 24.19 10.78 -18.73
C CYS A 410 23.58 9.54 -18.10
N SER A 411 22.31 9.28 -18.36
CA SER A 411 21.60 8.10 -17.87
C SER A 411 20.83 7.47 -19.01
N TYR A 412 20.38 6.25 -18.84
CA TYR A 412 19.65 5.55 -19.89
C TYR A 412 18.38 4.88 -19.38
N VAL A 413 17.42 4.71 -20.27
CA VAL A 413 16.33 3.76 -20.07
C VAL A 413 16.53 2.63 -21.07
N LEU A 414 16.48 1.40 -20.61
CA LEU A 414 16.58 0.23 -21.47
C LEU A 414 15.30 -0.57 -21.34
N THR A 415 15.17 -1.60 -22.19
CA THR A 415 14.06 -2.54 -22.09
C THR A 415 14.52 -4.00 -22.03
N GLY A 416 13.76 -4.82 -21.29
CA GLY A 416 13.98 -6.26 -21.25
C GLY A 416 13.68 -6.96 -22.57
N THR A 417 14.31 -8.11 -22.72
CA THR A 417 14.36 -8.86 -23.97
C THR A 417 14.18 -10.35 -23.70
N GLU A 418 13.72 -11.06 -24.72
CA GLU A 418 13.57 -12.50 -24.59
C GLU A 418 14.93 -13.14 -24.39
N GLN A 419 15.94 -12.63 -25.08
CA GLN A 419 17.26 -13.18 -24.93
C GLN A 419 17.79 -12.93 -23.54
N GLY A 420 17.48 -11.77 -22.97
CA GLY A 420 17.83 -11.55 -21.59
C GLY A 420 17.16 -12.55 -20.68
N MET A 421 15.88 -12.81 -20.92
CA MET A 421 15.14 -13.81 -20.15
C MET A 421 15.85 -15.16 -20.24
N THR A 422 16.40 -15.47 -21.42
CA THR A 422 17.05 -16.77 -21.57
C THR A 422 18.44 -16.79 -20.92
N GLU A 423 19.28 -15.82 -21.28
CA GLU A 423 20.69 -15.86 -20.97
C GLU A 423 20.99 -15.44 -19.54
N THR A 424 20.21 -14.52 -19.00
CA THR A 424 20.52 -13.98 -17.69
C THR A 424 19.29 -13.96 -16.78
N PHE A 425 18.27 -14.75 -17.08
CA PHE A 425 17.07 -14.75 -16.26
C PHE A 425 16.50 -13.34 -16.12
N GLY A 426 16.57 -12.62 -17.23
CA GLY A 426 16.00 -11.30 -17.36
C GLY A 426 16.68 -10.34 -16.41
N THR A 427 18.00 -10.33 -16.40
CA THR A 427 18.77 -9.46 -15.56
C THR A 427 19.77 -8.66 -16.39
N THR A 428 19.87 -7.37 -16.15
CA THR A 428 20.83 -6.57 -16.85
C THR A 428 21.61 -5.68 -15.84
N CYS A 429 22.29 -4.61 -16.24
CA CYS A 429 23.07 -3.73 -15.43
C CYS A 429 22.26 -2.79 -14.57
N HIS A 430 22.89 -2.14 -13.62
CA HIS A 430 22.22 -1.15 -12.81
C HIS A 430 22.82 0.25 -12.80
N GLY A 431 23.91 0.48 -13.52
CA GLY A 431 24.58 1.76 -13.47
C GLY A 431 25.89 1.69 -14.18
N ALA A 432 26.72 2.70 -14.05
CA ALA A 432 28.05 2.67 -14.64
C ALA A 432 28.95 1.67 -13.89
N GLY A 433 28.85 1.76 -12.60
CA GLY A 433 29.58 0.97 -11.63
C GLY A 433 30.82 1.70 -11.18
N ARG A 434 31.39 1.37 -10.04
CA ARG A 434 32.60 2.03 -9.63
C ARG A 434 33.74 1.52 -10.47
N ALA A 435 34.64 2.38 -10.86
CA ALA A 435 35.79 1.94 -11.59
C ALA A 435 36.90 1.55 -10.63
N LEU A 436 37.95 0.92 -11.11
CA LEU A 436 39.07 0.61 -10.24
C LEU A 436 40.06 1.78 -10.27
N ASP A 446 39.97 17.68 -6.52
CA ASP A 446 39.53 18.60 -5.49
C ASP A 446 38.02 18.83 -5.57
N PHE A 447 37.35 18.97 -4.41
CA PHE A 447 35.89 18.94 -4.45
C PHE A 447 35.39 20.15 -5.22
N GLN A 448 36.10 21.27 -5.19
CA GLN A 448 35.63 22.45 -5.84
C GLN A 448 35.81 22.29 -7.30
N ASP A 449 36.74 21.46 -7.74
CA ASP A 449 36.88 21.19 -9.15
C ASP A 449 35.64 20.50 -9.64
N VAL A 450 35.12 19.57 -8.88
CA VAL A 450 33.95 18.87 -9.31
C VAL A 450 32.79 19.81 -9.43
N LEU A 451 32.63 20.66 -8.46
CA LEU A 451 31.55 21.59 -8.52
C LEU A 451 31.71 22.55 -9.68
N ASP A 452 32.93 23.01 -9.93
CA ASP A 452 33.19 23.91 -11.00
C ASP A 452 32.86 23.31 -12.34
N LYS A 453 33.20 22.04 -12.51
CA LYS A 453 32.92 21.34 -13.75
C LYS A 453 31.45 21.25 -14.00
N LEU A 454 30.65 20.99 -12.97
CA LEU A 454 29.21 20.91 -13.14
C LEU A 454 28.68 22.23 -13.58
N ALA A 455 29.18 23.29 -12.98
CA ALA A 455 28.81 24.63 -13.33
C ALA A 455 29.22 24.92 -14.76
N ASP A 456 30.38 24.47 -15.19
CA ASP A 456 30.83 24.67 -16.55
C ASP A 456 29.84 24.05 -17.52
N MET A 457 29.39 22.86 -17.19
CA MET A 457 28.44 22.11 -18.00
C MET A 457 27.02 22.58 -17.97
N GLY A 458 26.67 23.47 -17.08
CA GLY A 458 25.33 23.99 -16.99
C GLY A 458 24.42 23.15 -16.13
N ILE A 459 25.00 22.43 -15.20
CA ILE A 459 24.26 21.54 -14.35
C ILE A 459 24.13 22.11 -12.96
N ALA A 460 22.92 22.41 -12.51
CA ALA A 460 22.75 22.94 -11.19
C ALA A 460 22.87 21.86 -10.15
N ILE A 461 23.23 22.20 -8.93
CA ILE A 461 23.36 21.20 -7.89
C ILE A 461 23.14 21.76 -6.47
N ARG A 462 22.47 21.01 -5.61
CA ARG A 462 22.34 21.36 -4.23
C ARG A 462 22.85 20.11 -3.53
N VAL A 463 23.88 20.23 -2.71
CA VAL A 463 24.44 19.09 -2.02
C VAL A 463 24.48 19.34 -0.53
N ALA A 464 24.05 18.39 0.28
CA ALA A 464 24.07 18.52 1.72
C ALA A 464 25.51 18.63 2.24
N SER A 465 26.41 17.90 1.64
CA SER A 465 27.81 17.92 2.06
C SER A 465 28.73 18.25 0.89
N PRO A 466 28.96 19.53 0.61
CA PRO A 466 29.79 19.85 -0.56
C PRO A 466 31.21 19.35 -0.53
N LYS A 467 31.85 19.26 0.61
CA LYS A 467 33.24 18.81 0.59
C LYS A 467 33.44 17.34 0.27
N LEU A 468 32.40 16.53 0.30
CA LEU A 468 32.49 15.13 0.00
C LEU A 468 32.17 14.76 -1.44
N VAL A 469 31.92 15.72 -2.31
CA VAL A 469 31.60 15.43 -3.72
C VAL A 469 32.71 14.84 -4.55
N MET A 470 33.97 14.85 -4.11
CA MET A 470 35.05 14.22 -4.87
C MET A 470 34.77 12.74 -5.08
N GLU A 471 34.23 12.08 -4.06
CA GLU A 471 33.85 10.68 -4.03
C GLU A 471 32.75 10.31 -5.02
N GLU A 472 31.91 11.26 -5.35
CA GLU A 472 30.83 11.10 -6.29
C GLU A 472 31.09 11.73 -7.67
N ALA A 473 32.35 12.03 -7.95
CA ALA A 473 32.75 12.60 -9.22
C ALA A 473 32.56 11.62 -10.36
N PRO A 474 32.24 12.09 -11.57
CA PRO A 474 32.06 11.13 -12.65
C PRO A 474 33.25 10.24 -13.00
N GLU A 475 34.46 10.68 -12.71
CA GLU A 475 35.71 9.95 -12.94
C GLU A 475 35.82 8.69 -12.09
N SER A 476 35.12 8.63 -10.96
CA SER A 476 35.20 7.44 -10.11
C SER A 476 34.35 6.27 -10.60
N TYR A 477 33.39 6.51 -11.50
CA TYR A 477 32.57 5.49 -12.10
C TYR A 477 33.12 5.14 -13.48
N LYS A 478 32.75 3.95 -13.94
CA LYS A 478 33.03 3.54 -15.29
C LYS A 478 32.19 4.38 -16.26
N ASN A 479 32.44 4.19 -17.55
CA ASN A 479 31.64 4.83 -18.61
C ASN A 479 30.32 4.09 -18.77
N VAL A 480 29.21 4.76 -18.42
CA VAL A 480 27.90 4.11 -18.45
C VAL A 480 27.49 3.76 -19.88
N THR A 481 27.93 4.53 -20.87
CA THR A 481 27.61 4.21 -22.25
C THR A 481 28.29 2.91 -22.69
N ASP A 482 29.51 2.65 -22.23
CA ASP A 482 30.09 1.34 -22.50
C ASP A 482 29.28 0.21 -21.83
N VAL A 483 28.79 0.45 -20.60
CA VAL A 483 28.04 -0.58 -19.87
C VAL A 483 26.72 -0.89 -20.58
N VAL A 484 25.94 0.13 -20.93
CA VAL A 484 24.68 -0.15 -21.60
C VAL A 484 24.94 -0.74 -23.00
N ASN A 485 26.00 -0.25 -23.69
CA ASN A 485 26.24 -0.78 -25.04
C ASN A 485 26.71 -2.23 -25.00
N THR A 486 27.45 -2.61 -23.97
CA THR A 486 27.79 -4.03 -23.81
C THR A 486 26.54 -4.87 -23.64
N CYS A 487 25.63 -4.45 -22.75
CA CYS A 487 24.39 -5.19 -22.58
C CYS A 487 23.56 -5.17 -23.84
N HIS A 488 23.58 -4.07 -24.57
CA HIS A 488 22.81 -3.99 -25.80
C HIS A 488 23.33 -4.97 -26.84
N ASP A 489 24.63 -4.96 -27.11
CA ASP A 489 25.17 -5.86 -28.14
C ASP A 489 24.99 -7.31 -27.74
N ALA A 490 25.19 -7.62 -26.47
CA ALA A 490 24.90 -8.94 -25.96
C ALA A 490 23.44 -9.33 -26.11
N GLY A 491 22.54 -8.37 -26.21
CA GLY A 491 21.14 -8.67 -26.39
C GLY A 491 20.30 -8.82 -25.13
N ILE A 492 20.90 -8.72 -23.93
CA ILE A 492 20.14 -8.96 -22.70
C ILE A 492 19.29 -7.78 -22.27
N SER A 493 19.49 -6.61 -22.83
CA SER A 493 18.55 -5.51 -22.63
C SER A 493 18.76 -4.60 -23.82
N LYS A 494 17.73 -3.83 -24.19
CA LYS A 494 17.76 -3.07 -25.43
C LYS A 494 17.67 -1.57 -25.15
N LYS A 495 18.58 -0.79 -25.69
CA LYS A 495 18.57 0.64 -25.40
C LYS A 495 17.27 1.27 -25.90
N ALA A 496 16.75 2.22 -25.09
CA ALA A 496 15.52 2.93 -25.45
C ALA A 496 15.66 4.45 -25.44
N ILE A 497 16.22 5.01 -24.37
CA ILE A 497 16.29 6.45 -24.16
C ILE A 497 17.63 6.80 -23.48
N LYS A 498 18.20 7.92 -23.89
CA LYS A 498 19.35 8.54 -23.26
C LYS A 498 18.91 9.87 -22.66
N LEU A 499 19.36 10.12 -21.44
CA LEU A 499 19.02 11.27 -20.64
C LEU A 499 20.27 12.00 -20.20
N ARG A 500 20.13 13.29 -20.02
CA ARG A 500 21.20 14.19 -19.63
C ARG A 500 20.76 14.99 -18.42
N PRO A 501 21.56 15.05 -17.37
CA PRO A 501 21.17 15.79 -16.19
C PRO A 501 21.28 17.28 -16.44
N ILE A 502 20.40 18.03 -15.81
CA ILE A 502 20.53 19.48 -15.76
C ILE A 502 20.48 20.01 -14.33
N ALA A 503 19.98 19.23 -13.39
CA ALA A 503 20.07 19.67 -12.01
C ALA A 503 20.00 18.42 -11.18
N VAL A 504 20.71 18.42 -10.04
CA VAL A 504 20.79 17.24 -9.19
C VAL A 504 20.83 17.64 -7.72
N ILE A 505 20.16 16.84 -6.90
CA ILE A 505 20.17 16.95 -5.44
C ILE A 505 20.97 15.78 -4.88
N LYS A 506 21.93 16.07 -4.02
CA LYS A 506 22.79 15.03 -3.45
C LYS A 506 22.90 15.23 -1.95
N GLY A 507 23.16 14.14 -1.23
CA GLY A 507 23.30 14.21 0.23
C GLY A 507 24.71 14.52 0.79
N ARG B 5 -7.33 31.41 -3.17
CA ARG B 5 -8.03 32.39 -2.37
C ARG B 5 -7.81 32.13 -0.90
N SER B 6 -8.33 33.00 -0.04
CA SER B 6 -8.16 32.90 1.41
C SER B 6 -9.28 32.27 2.18
N TYR B 7 -9.04 32.01 3.47
CA TYR B 7 -10.04 31.44 4.33
C TYR B 7 -11.25 32.32 4.35
N ASN B 8 -11.03 33.61 4.33
CA ASN B 8 -12.17 34.49 4.34
C ASN B 8 -12.91 34.43 3.04
N ASP B 9 -12.20 34.23 1.95
CA ASP B 9 -12.84 34.09 0.69
C ASP B 9 -13.67 32.80 0.63
N GLU B 10 -13.22 31.74 1.25
CA GLU B 10 -13.95 30.48 1.24
C GLU B 10 -15.29 30.57 1.92
N LEU B 11 -15.36 31.35 3.00
CA LEU B 11 -16.56 31.49 3.81
C LEU B 11 -17.77 32.09 3.16
N GLN B 12 -17.62 32.76 2.03
CA GLN B 12 -18.72 33.25 1.25
C GLN B 12 -19.58 32.12 0.73
N PHE B 13 -18.99 30.94 0.59
CA PHE B 13 -19.73 29.84 0.06
C PHE B 13 -20.43 29.03 1.13
N LEU B 14 -20.12 29.29 2.38
CA LEU B 14 -20.73 28.51 3.43
C LEU B 14 -21.84 29.28 4.10
N GLU B 15 -23.02 28.67 4.29
CA GLU B 15 -24.14 29.32 4.93
C GLU B 15 -24.74 28.29 5.86
N LYS B 16 -25.16 28.69 7.06
CA LYS B 16 -25.71 27.73 7.99
C LYS B 16 -27.23 27.64 7.86
N ILE B 17 -27.73 26.56 7.29
CA ILE B 17 -29.15 26.39 7.05
C ILE B 17 -29.98 25.99 8.26
N ASN B 18 -29.40 25.22 9.13
CA ASN B 18 -30.06 24.71 10.32
C ASN B 18 -29.14 24.70 11.50
N LYS B 19 -29.67 24.49 12.70
CA LYS B 19 -28.84 24.41 13.88
C LYS B 19 -27.77 23.32 13.71
N ASN B 20 -28.14 22.21 13.10
CA ASN B 20 -27.23 21.09 12.92
C ASN B 20 -26.73 20.87 11.49
N CYS B 21 -26.96 21.81 10.57
CA CYS B 21 -26.50 21.59 9.22
C CYS B 21 -25.93 22.82 8.55
N TRP B 22 -24.97 22.65 7.66
CA TRP B 22 -24.37 23.74 6.95
C TRP B 22 -24.54 23.54 5.48
N ARG B 23 -24.50 24.61 4.71
CA ARG B 23 -24.64 24.52 3.28
C ARG B 23 -23.37 24.94 2.57
N ILE B 24 -22.92 24.14 1.60
CA ILE B 24 -21.77 24.49 0.82
C ILE B 24 -22.36 24.89 -0.52
N LYS B 25 -22.43 26.17 -0.79
CA LYS B 25 -22.97 26.68 -2.00
C LYS B 25 -22.15 26.32 -3.22
N LYS B 26 -22.77 26.27 -4.38
CA LYS B 26 -22.05 25.98 -5.61
C LYS B 26 -20.97 27.02 -5.84
N GLY B 27 -19.82 26.61 -6.31
CA GLY B 27 -18.77 27.57 -6.50
C GLY B 27 -17.65 27.42 -5.53
N PHE B 28 -17.84 26.66 -4.47
CA PHE B 28 -16.83 26.39 -3.47
C PHE B 28 -15.66 25.71 -4.13
N VAL B 29 -15.98 24.74 -4.95
CA VAL B 29 -15.04 24.08 -5.82
C VAL B 29 -15.61 24.17 -7.25
N PRO B 30 -14.82 23.92 -8.28
CA PRO B 30 -15.40 24.02 -9.62
C PRO B 30 -16.38 22.93 -10.02
N ASN B 31 -17.24 23.25 -10.96
CA ASN B 31 -18.21 22.35 -11.53
C ASN B 31 -19.17 21.62 -10.64
N MET B 32 -19.54 22.20 -9.52
CA MET B 32 -20.49 21.53 -8.66
C MET B 32 -21.81 21.36 -9.40
N GLN B 33 -22.37 20.16 -9.36
CA GLN B 33 -23.66 19.88 -9.95
C GLN B 33 -24.77 20.05 -8.93
N VAL B 34 -24.48 19.80 -7.69
CA VAL B 34 -25.40 19.99 -6.61
C VAL B 34 -24.65 20.66 -5.47
N GLU B 35 -25.34 21.03 -4.43
CA GLU B 35 -24.70 21.61 -3.28
C GLU B 35 -24.17 20.54 -2.37
N GLY B 36 -23.40 20.95 -1.38
CA GLY B 36 -22.89 20.04 -0.39
C GLY B 36 -23.40 20.49 0.96
N VAL B 37 -23.56 19.55 1.89
CA VAL B 37 -23.98 19.89 3.23
C VAL B 37 -23.26 19.01 4.23
N PHE B 38 -23.03 19.51 5.43
CA PHE B 38 -22.44 18.69 6.46
C PHE B 38 -23.25 18.91 7.74
N TYR B 39 -23.39 17.86 8.54
CA TYR B 39 -24.17 17.95 9.76
C TYR B 39 -23.24 18.01 10.93
N VAL B 40 -23.37 19.05 11.74
CA VAL B 40 -22.52 19.21 12.90
C VAL B 40 -23.21 19.89 14.04
N ASN B 41 -22.71 19.63 15.24
CA ASN B 41 -23.13 20.38 16.42
C ASN B 41 -22.00 21.40 16.70
N ASP B 42 -22.12 22.18 17.76
CA ASP B 42 -21.10 23.19 18.08
C ASP B 42 -19.65 22.69 18.13
N ALA B 43 -19.41 21.56 18.77
CA ALA B 43 -18.07 21.05 18.88
C ALA B 43 -17.55 20.49 17.57
N LEU B 44 -18.41 19.85 16.79
CA LEU B 44 -17.98 19.29 15.53
C LEU B 44 -17.76 20.40 14.53
N GLU B 45 -18.56 21.44 14.62
CA GLU B 45 -18.42 22.59 13.77
C GLU B 45 -17.02 23.15 13.87
N LYS B 46 -16.54 23.34 15.08
CA LYS B 46 -15.24 23.84 15.35
C LYS B 46 -14.17 23.05 14.64
N LEU B 47 -14.22 21.73 14.71
CA LEU B 47 -13.24 20.93 14.02
C LEU B 47 -13.31 21.09 12.51
N MET B 48 -14.50 21.15 11.93
CA MET B 48 -14.60 21.30 10.49
C MET B 48 -13.96 22.56 10.01
N PHE B 49 -14.24 23.67 10.63
CA PHE B 49 -13.68 24.94 10.20
C PHE B 49 -12.21 25.07 10.54
N GLU B 50 -11.79 24.45 11.62
CA GLU B 50 -10.40 24.48 11.94
C GLU B 50 -9.61 23.71 10.91
N GLU B 51 -10.12 22.60 10.41
CA GLU B 51 -9.41 21.86 9.40
C GLU B 51 -9.31 22.71 8.15
N LEU B 52 -10.38 23.38 7.78
CA LEU B 52 -10.38 24.22 6.62
C LEU B 52 -9.46 25.42 6.75
N ARG B 53 -9.42 26.03 7.92
CA ARG B 53 -8.58 27.21 8.10
C ARG B 53 -7.12 26.86 8.14
N ASN B 54 -6.81 25.67 8.56
CA ASN B 54 -5.45 25.24 8.62
C ASN B 54 -4.95 24.66 7.33
N ALA B 55 -5.83 24.47 6.37
CA ALA B 55 -5.40 23.99 5.08
C ALA B 55 -4.98 25.16 4.26
N CYS B 56 -5.52 26.33 4.54
CA CYS B 56 -5.14 27.55 3.85
C CYS B 56 -3.70 27.93 4.20
N ARG B 57 -3.28 27.64 5.42
N ARG B 57 -3.28 27.64 5.42
CA ARG B 57 -1.93 27.94 5.89
CA ARG B 57 -1.93 27.94 5.89
C ARG B 57 -0.99 26.77 5.63
C ARG B 57 -0.99 26.77 5.63
N VAL B 61 2.00 18.20 3.09
CA VAL B 61 2.38 17.22 4.08
C VAL B 61 1.33 16.14 4.20
N GLY B 62 0.09 16.46 3.92
CA GLY B 62 -0.96 15.50 3.97
C GLY B 62 -1.29 15.08 2.56
N GLY B 63 -1.92 13.94 2.44
CA GLY B 63 -2.28 13.43 1.14
C GLY B 63 -3.69 13.73 0.71
N PHE B 64 -4.51 14.15 1.65
CA PHE B 64 -5.88 14.41 1.38
C PHE B 64 -6.23 15.86 1.46
N LEU B 65 -7.31 16.24 0.83
CA LEU B 65 -7.78 17.56 0.94
C LEU B 65 -8.65 17.67 2.20
N PRO B 66 -8.93 18.94 2.66
CA PRO B 66 -9.86 19.08 3.79
C PRO B 66 -11.20 18.44 3.50
N ALA B 67 -11.82 17.86 4.55
CA ALA B 67 -13.09 17.14 4.39
C ALA B 67 -14.13 17.99 3.67
N MET B 68 -14.21 19.28 4.03
CA MET B 68 -15.19 20.17 3.42
C MET B 68 -15.03 20.20 1.90
N LYS B 69 -13.78 20.36 1.43
CA LYS B 69 -13.53 20.45 0.01
C LYS B 69 -13.82 19.14 -0.67
N GLN B 70 -13.54 18.05 0.00
CA GLN B 70 -13.81 16.74 -0.53
C GLN B 70 -15.32 16.62 -0.74
N ILE B 71 -16.10 17.24 0.11
CA ILE B 71 -17.52 17.20 -0.05
C ILE B 71 -17.91 17.96 -1.29
N GLY B 72 -17.33 19.11 -1.51
CA GLY B 72 -17.61 19.88 -2.68
C GLY B 72 -17.19 19.20 -3.95
N ASN B 73 -16.05 18.53 -3.93
CA ASN B 73 -15.54 17.84 -5.08
C ASN B 73 -16.40 16.70 -5.50
N VAL B 74 -16.95 16.02 -4.53
CA VAL B 74 -17.85 14.94 -4.75
C VAL B 74 -19.16 15.43 -5.38
N ALA B 75 -19.59 16.64 -5.04
CA ALA B 75 -20.72 17.33 -5.64
C ALA B 75 -20.53 17.66 -7.12
N ALA B 76 -19.30 17.74 -7.60
CA ALA B 76 -18.99 17.96 -8.97
C ALA B 76 -19.02 16.69 -9.81
N LEU B 77 -19.18 15.52 -9.22
CA LEU B 77 -19.17 14.28 -9.99
C LEU B 77 -20.33 14.11 -10.94
N PRO B 78 -20.10 13.58 -12.15
CA PRO B 78 -21.24 13.47 -13.05
C PRO B 78 -22.39 12.58 -12.61
N GLY B 79 -23.62 13.05 -12.71
CA GLY B 79 -24.77 12.23 -12.37
C GLY B 79 -25.24 12.29 -10.96
N ILE B 80 -24.58 13.04 -10.12
CA ILE B 80 -24.99 13.15 -8.74
C ILE B 80 -26.36 13.87 -8.64
N VAL B 81 -27.16 13.48 -7.68
CA VAL B 81 -28.43 14.15 -7.48
C VAL B 81 -28.56 14.57 -6.05
N HIS B 82 -29.48 15.49 -5.78
CA HIS B 82 -29.74 15.97 -4.44
C HIS B 82 -28.52 16.69 -3.81
N ARG B 83 -27.77 16.12 -2.88
CA ARG B 83 -26.67 16.80 -2.26
C ARG B 83 -25.49 15.86 -2.01
N SER B 84 -24.30 16.42 -1.91
CA SER B 84 -23.14 15.66 -1.54
C SER B 84 -23.23 15.86 -0.04
N ILE B 85 -23.34 14.79 0.72
CA ILE B 85 -23.57 14.94 2.14
C ILE B 85 -22.50 14.46 3.12
N GLY B 86 -22.09 15.31 4.04
CA GLY B 86 -21.14 14.94 5.05
C GLY B 86 -21.84 14.64 6.38
N LEU B 87 -21.63 13.47 6.95
CA LEU B 87 -22.23 13.09 8.21
C LEU B 87 -21.45 13.69 9.38
N PRO B 88 -22.00 13.67 10.62
CA PRO B 88 -21.29 14.24 11.79
C PRO B 88 -19.93 13.76 12.20
N ASP B 89 -19.56 12.58 11.72
CA ASP B 89 -18.28 11.92 11.98
C ASP B 89 -17.30 12.10 10.81
N VAL B 90 -17.65 12.96 9.85
CA VAL B 90 -16.89 13.06 8.62
C VAL B 90 -15.44 13.48 8.87
N HIS B 91 -14.53 12.86 8.15
CA HIS B 91 -13.11 13.23 8.18
C HIS B 91 -12.53 12.93 6.80
N SER B 92 -11.36 13.49 6.52
CA SER B 92 -10.73 13.33 5.21
C SER B 92 -10.40 11.88 4.89
N GLY B 93 -10.50 11.53 3.64
CA GLY B 93 -10.22 10.17 3.24
C GLY B 93 -9.74 10.21 1.81
N TYR B 94 -9.67 9.08 1.13
CA TYR B 94 -9.20 9.03 -0.25
C TYR B 94 -10.35 9.44 -1.17
N GLY B 95 -10.22 10.62 -1.77
CA GLY B 95 -11.23 11.10 -2.73
C GLY B 95 -12.50 11.60 -2.10
N PHE B 96 -13.33 10.66 -1.71
CA PHE B 96 -14.52 10.94 -0.96
C PHE B 96 -14.06 11.02 0.49
N ALA B 97 -14.72 11.81 1.30
CA ALA B 97 -14.39 11.87 2.69
C ALA B 97 -14.97 10.66 3.39
N ILE B 98 -14.38 10.25 4.50
CA ILE B 98 -14.94 9.17 5.25
C ILE B 98 -16.12 9.80 5.96
N GLY B 99 -17.32 9.25 5.78
CA GLY B 99 -18.52 9.89 6.29
C GLY B 99 -19.25 10.75 5.27
N ASN B 100 -19.26 10.33 4.01
CA ASN B 100 -19.87 11.02 2.91
C ASN B 100 -20.93 10.14 2.25
N MET B 101 -21.94 10.74 1.63
CA MET B 101 -22.92 10.01 0.90
C MET B 101 -23.11 10.72 -0.41
N ALA B 102 -23.01 10.02 -1.53
CA ALA B 102 -23.30 10.61 -2.82
C ALA B 102 -24.08 9.53 -3.59
N ALA B 103 -25.14 9.93 -4.25
CA ALA B 103 -26.05 9.08 -4.93
C ALA B 103 -26.19 9.57 -6.37
N PHE B 104 -26.14 8.64 -7.29
CA PHE B 104 -26.06 8.91 -8.72
C PHE B 104 -27.24 8.26 -9.43
N ASP B 105 -27.89 8.97 -10.33
CA ASP B 105 -29.05 8.46 -11.04
C ASP B 105 -28.62 7.44 -12.01
N MET B 106 -29.07 6.21 -11.88
CA MET B 106 -28.66 5.17 -12.78
C MET B 106 -29.28 5.26 -14.18
N ASN B 107 -30.32 6.04 -14.35
CA ASN B 107 -30.93 6.28 -15.62
C ASN B 107 -30.22 7.38 -16.38
N ASP B 108 -29.32 8.10 -15.74
CA ASP B 108 -28.51 9.12 -16.37
C ASP B 108 -27.31 8.39 -16.93
N PRO B 109 -27.06 8.50 -18.23
CA PRO B 109 -25.89 7.85 -18.84
C PRO B 109 -24.54 8.36 -18.40
N GLU B 110 -24.48 9.57 -17.90
CA GLU B 110 -23.25 10.13 -17.41
C GLU B 110 -22.92 9.73 -15.97
N ALA B 111 -23.83 9.11 -15.27
CA ALA B 111 -23.61 8.71 -13.88
C ALA B 111 -22.39 7.79 -13.76
N VAL B 112 -21.62 7.99 -12.69
CA VAL B 112 -20.38 7.25 -12.50
C VAL B 112 -20.53 6.45 -11.21
N VAL B 113 -19.66 5.44 -11.09
CA VAL B 113 -19.40 4.77 -9.83
C VAL B 113 -17.95 5.03 -9.51
N SER B 114 -17.67 5.27 -8.23
CA SER B 114 -16.35 5.65 -7.77
C SER B 114 -15.82 4.76 -6.65
N PRO B 115 -14.73 4.02 -6.85
CA PRO B 115 -14.23 3.17 -5.75
C PRO B 115 -13.76 3.99 -4.54
N GLY B 116 -13.30 5.22 -4.75
CA GLY B 116 -13.05 6.09 -3.62
C GLY B 116 -14.28 6.42 -2.79
N GLY B 117 -15.49 6.30 -3.37
CA GLY B 117 -16.75 6.48 -2.68
C GLY B 117 -17.30 5.28 -1.93
N VAL B 118 -16.61 4.14 -2.02
CA VAL B 118 -16.90 2.95 -1.23
C VAL B 118 -15.85 2.77 -0.15
N GLY B 119 -14.58 2.93 -0.54
CA GLY B 119 -13.50 2.72 0.38
C GLY B 119 -12.71 1.48 0.05
N PHE B 120 -11.52 1.28 0.65
CA PHE B 120 -10.63 0.22 0.39
C PHE B 120 -11.10 -1.01 1.10
N ASP B 121 -11.65 -0.87 2.30
CA ASP B 121 -12.18 -1.99 3.04
C ASP B 121 -13.64 -2.13 2.65
N ILE B 122 -13.89 -2.75 1.53
CA ILE B 122 -15.22 -2.88 1.01
C ILE B 122 -16.04 -3.69 2.01
N ASN B 123 -17.21 -3.18 2.37
CA ASN B 123 -18.05 -3.78 3.35
C ASN B 123 -17.50 -4.03 4.75
N CYS B 124 -16.79 -3.04 5.24
CA CYS B 124 -16.44 -2.88 6.66
C CYS B 124 -17.81 -2.70 7.31
N GLY B 125 -18.06 -3.38 8.40
CA GLY B 125 -19.35 -3.31 8.98
C GLY B 125 -19.39 -3.82 10.35
N VAL B 126 -20.50 -3.61 11.00
CA VAL B 126 -20.66 -4.01 12.35
C VAL B 126 -21.80 -5.00 12.49
N ARG B 127 -21.63 -5.97 13.36
CA ARG B 127 -22.66 -6.92 13.64
C ARG B 127 -22.89 -6.89 15.14
N LEU B 128 -24.12 -6.93 15.58
CA LEU B 128 -24.39 -6.87 16.96
C LEU B 128 -25.13 -8.12 17.41
N LEU B 129 -24.58 -8.85 18.36
CA LEU B 129 -25.19 -10.03 18.93
C LEU B 129 -25.75 -9.69 20.30
N ARG B 130 -26.85 -10.32 20.67
CA ARG B 130 -27.38 -10.16 21.99
C ARG B 130 -27.16 -11.44 22.76
N THR B 131 -27.30 -11.35 24.07
CA THR B 131 -27.18 -12.51 24.94
C THR B 131 -28.23 -12.39 26.03
N ASN B 132 -28.55 -13.49 26.68
CA ASN B 132 -29.46 -13.45 27.80
C ASN B 132 -28.69 -13.25 29.12
N LEU B 133 -27.36 -13.21 29.06
CA LEU B 133 -26.50 -12.99 30.21
C LEU B 133 -26.56 -11.54 30.69
N ASP B 134 -26.16 -11.35 31.94
CA ASP B 134 -26.12 -10.06 32.60
C ASP B 134 -24.67 -9.75 32.91
N GLU B 135 -24.35 -8.50 33.22
CA GLU B 135 -22.97 -8.14 33.52
C GLU B 135 -22.46 -8.94 34.73
N SER B 136 -23.29 -9.11 35.75
CA SER B 136 -22.96 -9.91 36.89
C SER B 136 -22.51 -11.33 36.48
N ASP B 137 -23.12 -11.90 35.44
CA ASP B 137 -22.74 -13.22 34.99
C ASP B 137 -21.38 -13.22 34.37
N VAL B 138 -21.06 -12.16 33.67
CA VAL B 138 -19.79 -12.00 33.01
C VAL B 138 -18.55 -11.66 33.80
N GLN B 139 -18.69 -10.80 34.80
CA GLN B 139 -17.54 -10.31 35.54
C GLN B 139 -16.66 -11.35 36.22
N PRO B 140 -17.26 -12.38 36.83
CA PRO B 140 -16.38 -13.39 37.40
C PRO B 140 -15.53 -14.13 36.39
N VAL B 141 -15.96 -14.28 35.15
CA VAL B 141 -15.15 -14.93 34.15
C VAL B 141 -14.71 -14.00 33.05
N LYS B 142 -14.69 -12.71 33.29
CA LYS B 142 -14.37 -11.73 32.28
C LYS B 142 -13.01 -11.87 31.64
N GLU B 143 -11.97 -12.13 32.40
CA GLU B 143 -10.66 -12.31 31.81
C GLU B 143 -10.67 -13.62 31.05
N GLN B 144 -11.35 -14.62 31.61
CA GLN B 144 -11.42 -15.92 30.98
C GLN B 144 -12.09 -15.83 29.63
N LEU B 145 -13.16 -15.07 29.57
CA LEU B 145 -13.90 -14.88 28.35
C LEU B 145 -13.09 -14.13 27.29
N ALA B 146 -12.39 -13.07 27.70
CA ALA B 146 -11.60 -12.30 26.77
C ALA B 146 -10.54 -13.19 26.17
N GLN B 147 -9.92 -14.01 27.00
CA GLN B 147 -8.93 -14.93 26.56
C GLN B 147 -9.50 -15.97 25.62
N ALA B 148 -10.68 -16.48 25.90
CA ALA B 148 -11.29 -17.49 25.04
C ALA B 148 -11.58 -16.94 23.67
N MET B 149 -12.06 -15.73 23.63
CA MET B 149 -12.34 -15.05 22.41
C MET B 149 -11.07 -14.80 21.62
N PHE B 150 -10.01 -14.43 22.29
CA PHE B 150 -8.75 -14.18 21.63
C PHE B 150 -8.22 -15.44 21.01
N ASP B 151 -8.33 -16.51 21.76
CA ASP B 151 -7.90 -17.80 21.31
C ASP B 151 -8.74 -18.32 20.18
N HIS B 152 -10.02 -18.05 20.23
CA HIS B 152 -10.91 -18.50 19.18
C HIS B 152 -10.80 -17.77 17.88
N ILE B 153 -10.64 -16.47 17.95
CA ILE B 153 -10.63 -15.59 16.81
C ILE B 153 -9.29 -15.09 16.29
N PRO B 154 -8.91 -15.42 15.05
CA PRO B 154 -7.61 -14.91 14.59
C PRO B 154 -7.62 -13.37 14.52
N VAL B 155 -6.61 -12.74 15.09
CA VAL B 155 -6.58 -11.33 15.23
C VAL B 155 -5.16 -10.84 14.94
N GLY B 156 -4.98 -9.64 14.42
CA GLY B 156 -3.63 -9.17 14.16
C GLY B 156 -3.26 -9.13 12.72
N VAL B 157 -2.16 -8.49 12.38
CA VAL B 157 -1.80 -8.34 10.99
C VAL B 157 -1.53 -9.64 10.21
N GLY B 158 -0.82 -10.59 10.77
CA GLY B 158 -0.53 -11.82 10.05
C GLY B 158 -1.36 -13.05 10.38
N SER B 159 -2.47 -12.89 11.05
CA SER B 159 -3.29 -14.01 11.45
C SER B 159 -3.90 -14.77 10.27
N LYS B 160 -4.12 -16.05 10.46
CA LYS B 160 -4.63 -16.90 9.42
C LYS B 160 -5.90 -17.54 9.91
N GLY B 161 -6.75 -17.91 8.99
CA GLY B 161 -8.03 -18.48 9.33
C GLY B 161 -7.98 -19.80 10.06
N VAL B 162 -8.88 -20.02 10.99
CA VAL B 162 -8.93 -21.29 11.65
C VAL B 162 -9.96 -22.20 11.04
N ILE B 163 -11.03 -21.66 10.47
CA ILE B 163 -12.04 -22.46 9.83
C ILE B 163 -11.42 -22.87 8.52
N PRO B 164 -11.41 -24.16 8.20
CA PRO B 164 -10.70 -24.50 6.98
C PRO B 164 -11.29 -23.97 5.70
N MET B 165 -10.50 -23.35 4.83
CA MET B 165 -10.99 -22.82 3.56
C MET B 165 -10.04 -23.07 2.40
N ASN B 166 -10.57 -23.41 1.26
CA ASN B 166 -9.78 -23.61 0.08
C ASN B 166 -10.28 -22.71 -1.04
N ALA B 167 -9.68 -22.76 -2.20
CA ALA B 167 -10.07 -21.92 -3.28
C ALA B 167 -11.52 -22.10 -3.68
N LYS B 168 -12.04 -23.30 -3.68
CA LYS B 168 -13.44 -23.51 -4.01
C LYS B 168 -14.34 -22.83 -3.01
N ASP B 169 -14.00 -22.93 -1.73
CA ASP B 169 -14.78 -22.30 -0.69
C ASP B 169 -14.80 -20.80 -0.88
N LEU B 170 -13.68 -20.20 -1.24
CA LEU B 170 -13.60 -18.79 -1.47
C LEU B 170 -14.51 -18.36 -2.62
N GLU B 171 -14.56 -19.13 -3.68
CA GLU B 171 -15.42 -18.82 -4.80
C GLU B 171 -16.86 -18.83 -4.39
N GLU B 172 -17.24 -19.80 -3.60
CA GLU B 172 -18.57 -19.87 -3.13
C GLU B 172 -18.88 -18.73 -2.19
N ALA B 173 -17.94 -18.36 -1.36
CA ALA B 173 -18.12 -17.27 -0.44
C ALA B 173 -18.35 -15.98 -1.20
N LEU B 174 -17.61 -15.75 -2.26
CA LEU B 174 -17.74 -14.57 -3.08
C LEU B 174 -19.09 -14.50 -3.74
N GLU B 175 -19.54 -15.62 -4.26
CA GLU B 175 -20.83 -15.75 -4.84
C GLU B 175 -21.98 -15.76 -3.88
N MET B 176 -21.85 -16.50 -2.81
CA MET B 176 -22.96 -16.67 -1.95
C MET B 176 -23.12 -15.84 -0.73
N GLY B 177 -22.05 -15.23 -0.26
CA GLY B 177 -22.07 -14.46 0.94
C GLY B 177 -22.49 -15.33 2.13
N VAL B 178 -23.42 -14.87 2.94
CA VAL B 178 -23.85 -15.60 4.12
C VAL B 178 -24.49 -16.95 3.89
N ASP B 179 -25.06 -17.17 2.71
CA ASP B 179 -25.63 -18.44 2.36
C ASP B 179 -24.56 -19.53 2.43
N TRP B 180 -23.32 -19.26 2.02
CA TRP B 180 -22.29 -20.25 2.19
C TRP B 180 -22.10 -20.55 3.67
N SER B 181 -22.09 -19.58 4.53
CA SER B 181 -21.94 -19.86 5.95
C SER B 181 -23.11 -20.64 6.46
N LEU B 182 -24.29 -20.28 6.02
CA LEU B 182 -25.48 -21.00 6.43
C LEU B 182 -25.47 -22.44 5.97
N ARG B 183 -25.11 -22.64 4.72
CA ARG B 183 -25.07 -23.95 4.13
C ARG B 183 -24.09 -24.85 4.80
N GLU B 184 -22.96 -24.32 5.24
CA GLU B 184 -21.94 -25.09 5.93
C GLU B 184 -22.14 -25.22 7.42
N GLY B 185 -23.17 -24.62 7.97
CA GLY B 185 -23.45 -24.73 9.36
C GLY B 185 -22.81 -23.73 10.27
N TYR B 186 -22.06 -22.80 9.72
CA TYR B 186 -21.44 -21.79 10.54
C TYR B 186 -22.37 -20.67 10.87
N ALA B 187 -23.50 -20.53 10.21
CA ALA B 187 -24.42 -19.46 10.53
C ALA B 187 -25.84 -19.99 10.76
N TRP B 188 -26.60 -19.28 11.53
CA TRP B 188 -27.98 -19.60 11.77
C TRP B 188 -28.81 -18.93 10.70
N ALA B 189 -29.96 -19.49 10.37
CA ALA B 189 -30.86 -18.94 9.39
C ALA B 189 -31.37 -17.57 9.80
N GLU B 190 -31.62 -17.38 11.08
CA GLU B 190 -32.03 -16.11 11.65
C GLU B 190 -30.98 -15.02 11.44
N ASP B 191 -29.69 -15.35 11.42
CA ASP B 191 -28.63 -14.39 11.19
C ASP B 191 -28.80 -13.71 9.85
N LYS B 192 -29.15 -14.48 8.83
CA LYS B 192 -29.39 -14.01 7.48
C LYS B 192 -30.54 -13.05 7.42
N GLU B 193 -31.57 -13.34 8.19
CA GLU B 193 -32.77 -12.52 8.24
C GLU B 193 -32.52 -11.13 8.80
N HIS B 194 -31.54 -11.00 9.68
CA HIS B 194 -31.21 -9.71 10.31
C HIS B 194 -29.90 -9.13 9.82
N CYS B 195 -29.69 -9.25 8.52
CA CYS B 195 -28.48 -8.78 7.91
C CYS B 195 -28.85 -7.88 6.76
N GLU B 196 -28.11 -6.81 6.53
CA GLU B 196 -28.40 -5.92 5.41
C GLU B 196 -28.15 -6.75 4.14
N GLU B 197 -29.07 -6.64 3.17
CA GLU B 197 -29.07 -7.38 1.91
C GLU B 197 -29.05 -8.90 2.16
N TYR B 198 -29.66 -9.35 3.25
CA TYR B 198 -29.70 -10.73 3.65
C TYR B 198 -28.33 -11.44 3.56
N GLY B 199 -27.24 -10.73 3.77
CA GLY B 199 -25.90 -11.21 3.66
C GLY B 199 -25.45 -11.69 2.30
N ARG B 200 -26.13 -11.29 1.24
CA ARG B 200 -25.77 -11.75 -0.07
C ARG B 200 -26.16 -10.81 -1.20
N MET B 201 -25.20 -10.20 -1.86
CA MET B 201 -25.54 -9.37 -2.97
C MET B 201 -25.54 -10.27 -4.22
N LEU B 202 -26.68 -10.33 -4.91
CA LEU B 202 -26.86 -11.14 -6.11
C LEU B 202 -26.00 -10.72 -7.29
N GLN B 203 -25.59 -9.47 -7.31
CA GLN B 203 -24.79 -8.96 -8.39
C GLN B 203 -23.32 -9.35 -8.38
N ALA B 204 -22.85 -9.97 -7.30
CA ALA B 204 -21.47 -10.37 -7.21
C ALA B 204 -21.05 -11.33 -8.31
N ASP B 205 -19.87 -11.13 -8.86
CA ASP B 205 -19.35 -12.03 -9.85
C ASP B 205 -17.93 -12.37 -9.39
N PRO B 206 -17.66 -13.64 -9.05
CA PRO B 206 -16.32 -14.04 -8.62
C PRO B 206 -15.24 -13.84 -9.69
N ASN B 207 -15.60 -13.99 -10.95
CA ASN B 207 -14.69 -13.77 -12.07
C ASN B 207 -14.10 -12.37 -12.16
N LYS B 208 -14.81 -11.36 -11.64
CA LYS B 208 -14.34 -9.99 -11.60
C LYS B 208 -13.40 -9.67 -10.44
N VAL B 209 -13.13 -10.63 -9.56
CA VAL B 209 -12.20 -10.41 -8.48
C VAL B 209 -10.90 -11.02 -8.98
N SER B 210 -9.80 -10.28 -8.93
CA SER B 210 -8.54 -10.79 -9.45
C SER B 210 -7.88 -11.92 -8.66
N ALA B 211 -6.92 -12.56 -9.32
CA ALA B 211 -6.16 -13.63 -8.74
C ALA B 211 -5.38 -13.13 -7.55
N ARG B 212 -4.80 -11.96 -7.63
CA ARG B 212 -4.12 -11.43 -6.51
C ARG B 212 -5.05 -11.16 -5.35
N ALA B 213 -6.23 -10.65 -5.63
CA ALA B 213 -7.19 -10.39 -4.59
C ALA B 213 -7.58 -11.68 -3.86
N LYS B 214 -7.81 -12.72 -4.62
CA LYS B 214 -8.15 -14.02 -4.13
C LYS B 214 -7.01 -14.64 -3.37
N LYS B 215 -5.79 -14.43 -3.82
CA LYS B 215 -4.62 -14.95 -3.14
C LYS B 215 -4.46 -14.31 -1.77
N ARG B 216 -4.65 -13.02 -1.66
CA ARG B 216 -4.61 -12.36 -0.40
C ARG B 216 -5.77 -12.75 0.44
N GLY B 217 -6.91 -12.85 -0.21
CA GLY B 217 -8.12 -13.22 0.41
C GLY B 217 -8.27 -14.57 1.05
N LEU B 218 -7.80 -15.61 0.40
CA LEU B 218 -7.95 -16.94 0.92
C LEU B 218 -7.46 -17.15 2.34
N PRO B 219 -6.21 -16.82 2.67
CA PRO B 219 -5.81 -17.05 4.06
C PRO B 219 -6.45 -16.14 5.10
N GLN B 220 -6.95 -14.99 4.72
CA GLN B 220 -7.54 -14.10 5.68
C GLN B 220 -9.01 -14.21 5.94
N LEU B 221 -9.71 -15.07 5.24
CA LEU B 221 -11.14 -15.17 5.47
C LEU B 221 -11.30 -15.76 6.85
N GLY B 222 -12.20 -15.23 7.67
CA GLY B 222 -12.28 -15.72 9.01
C GLY B 222 -11.34 -15.07 10.00
N THR B 223 -10.75 -13.95 9.62
CA THR B 223 -9.82 -13.23 10.48
C THR B 223 -10.30 -11.80 10.70
N LEU B 224 -9.93 -11.22 11.81
CA LEU B 224 -10.37 -9.90 12.17
C LEU B 224 -9.69 -8.71 11.55
N GLY B 225 -8.39 -8.78 11.39
CA GLY B 225 -7.66 -7.63 10.92
C GLY B 225 -7.13 -6.89 12.12
N ALA B 226 -6.92 -5.59 12.00
CA ALA B 226 -6.34 -4.80 13.06
C ALA B 226 -6.90 -3.37 13.06
N GLY B 227 -6.29 -2.43 13.77
CA GLY B 227 -6.77 -1.07 13.72
C GLY B 227 -8.14 -0.91 14.28
N ASN B 228 -9.07 -0.31 13.54
CA ASN B 228 -10.42 -0.10 14.02
C ASN B 228 -11.27 -1.34 14.25
N HIS B 229 -10.89 -2.49 13.69
CA HIS B 229 -11.55 -3.77 13.86
C HIS B 229 -11.54 -4.31 15.28
N TYR B 230 -12.63 -4.93 15.72
CA TYR B 230 -12.74 -5.43 17.07
C TYR B 230 -13.81 -6.48 17.26
N ALA B 231 -13.73 -7.21 18.36
CA ALA B 231 -14.79 -8.09 18.82
C ALA B 231 -14.93 -7.54 20.23
N GLU B 232 -16.10 -7.05 20.59
CA GLU B 232 -16.26 -6.42 21.86
C GLU B 232 -17.44 -6.91 22.67
N ILE B 233 -17.26 -7.13 23.95
CA ILE B 233 -18.37 -7.52 24.76
C ILE B 233 -18.83 -6.23 25.36
N GLN B 234 -20.10 -5.94 25.28
CA GLN B 234 -20.64 -4.71 25.74
C GLN B 234 -21.82 -4.97 26.65
N VAL B 235 -22.19 -3.97 27.43
CA VAL B 235 -23.28 -4.08 28.35
C VAL B 235 -24.29 -3.00 28.02
N VAL B 236 -25.58 -3.27 28.11
CA VAL B 236 -26.53 -2.24 27.78
C VAL B 236 -26.50 -1.23 28.91
N ASP B 237 -26.19 0.02 28.60
CA ASP B 237 -26.09 1.04 29.61
C ASP B 237 -27.30 1.91 29.71
N GLU B 238 -27.99 2.15 28.62
CA GLU B 238 -29.13 2.99 28.65
C GLU B 238 -30.08 2.64 27.56
N ILE B 239 -31.38 2.77 27.79
CA ILE B 239 -32.35 2.48 26.78
C ILE B 239 -33.16 3.74 26.42
N PHE B 240 -32.86 4.38 25.32
CA PHE B 240 -33.59 5.53 24.88
C PHE B 240 -34.99 5.24 24.37
N ASN B 241 -35.15 4.12 23.68
CA ASN B 241 -36.39 3.70 23.08
C ASN B 241 -36.74 2.28 23.48
N GLU B 242 -37.62 2.13 24.46
CA GLU B 242 -37.97 0.83 24.99
C GLU B 242 -38.55 -0.11 23.95
N TYR B 243 -39.40 0.41 23.12
CA TYR B 243 -40.05 -0.40 22.12
C TYR B 243 -39.12 -0.99 21.09
N ALA B 244 -38.21 -0.18 20.60
CA ALA B 244 -37.21 -0.58 19.64
C ALA B 244 -36.29 -1.58 20.26
N ALA B 245 -35.91 -1.34 21.49
CA ALA B 245 -35.07 -2.23 22.19
C ALA B 245 -35.76 -3.55 22.41
N LYS B 246 -37.04 -3.54 22.71
CA LYS B 246 -37.78 -4.74 22.93
C LYS B 246 -37.82 -5.57 21.66
N LYS B 247 -37.97 -4.95 20.51
CA LYS B 247 -37.96 -5.66 19.25
C LYS B 247 -36.59 -6.26 18.88
N MET B 248 -35.52 -5.71 19.42
CA MET B 248 -34.18 -6.20 19.21
C MET B 248 -33.82 -7.28 20.22
N GLY B 249 -34.69 -7.54 21.19
CA GLY B 249 -34.46 -8.51 22.22
C GLY B 249 -33.83 -7.90 23.45
N ILE B 250 -33.72 -6.60 23.52
CA ILE B 250 -33.09 -5.98 24.65
C ILE B 250 -34.11 -5.44 25.63
N ASP B 251 -34.19 -5.96 26.84
CA ASP B 251 -35.18 -5.43 27.75
C ASP B 251 -34.70 -4.74 29.00
N HIS B 252 -33.43 -4.81 29.33
CA HIS B 252 -32.97 -4.12 30.51
C HIS B 252 -31.52 -3.67 30.49
N LYS B 253 -31.21 -2.70 31.34
CA LYS B 253 -29.87 -2.21 31.50
C LYS B 253 -29.10 -3.33 32.13
N GLY B 254 -27.87 -3.50 31.72
CA GLY B 254 -27.09 -4.57 32.24
C GLY B 254 -27.01 -5.77 31.33
N GLN B 255 -27.89 -5.91 30.34
CA GLN B 255 -27.85 -7.03 29.43
C GLN B 255 -26.57 -7.01 28.55
N VAL B 256 -25.91 -8.15 28.40
CA VAL B 256 -24.68 -8.29 27.66
C VAL B 256 -24.88 -8.49 26.14
N CYS B 257 -24.04 -7.86 25.33
CA CYS B 257 -24.08 -7.95 23.89
C CYS B 257 -22.68 -8.12 23.34
N VAL B 258 -22.55 -8.54 22.09
CA VAL B 258 -21.24 -8.59 21.47
C VAL B 258 -21.23 -7.82 20.16
N MET B 259 -20.26 -6.93 19.98
CA MET B 259 -20.20 -6.16 18.78
C MET B 259 -18.98 -6.57 17.95
N ILE B 260 -19.17 -6.92 16.70
CA ILE B 260 -18.10 -7.36 15.86
C ILE B 260 -17.96 -6.41 14.67
N HIS B 261 -16.75 -5.94 14.39
CA HIS B 261 -16.53 -5.00 13.32
C HIS B 261 -15.36 -5.43 12.45
N SER B 262 -15.60 -5.72 11.19
CA SER B 262 -14.59 -6.12 10.27
C SER B 262 -15.05 -5.95 8.86
N GLY B 263 -14.11 -6.07 7.94
CA GLY B 263 -14.38 -5.98 6.54
C GLY B 263 -14.00 -7.13 5.65
N SER B 264 -13.61 -6.80 4.42
CA SER B 264 -13.20 -7.77 3.45
C SER B 264 -11.70 -8.03 3.40
N ARG B 265 -10.93 -7.54 4.36
CA ARG B 265 -9.53 -7.86 4.51
C ARG B 265 -8.70 -7.57 3.23
N GLY B 266 -7.71 -8.37 2.85
CA GLY B 266 -6.93 -8.15 1.69
C GLY B 266 -7.66 -8.22 0.37
N LEU B 267 -8.64 -9.12 0.26
CA LEU B 267 -9.38 -9.25 -0.97
C LEU B 267 -10.09 -7.96 -1.34
N GLY B 268 -10.74 -7.32 -0.40
CA GLY B 268 -11.38 -6.07 -0.67
C GLY B 268 -10.46 -4.95 -1.05
N HIS B 269 -9.31 -4.85 -0.38
CA HIS B 269 -8.36 -3.82 -0.65
C HIS B 269 -7.83 -3.94 -2.03
N GLN B 270 -7.53 -5.16 -2.41
CA GLN B 270 -7.05 -5.42 -3.72
C GLN B 270 -8.13 -5.12 -4.73
N VAL B 271 -9.38 -5.43 -4.47
CA VAL B 271 -10.43 -5.11 -5.40
C VAL B 271 -10.55 -3.59 -5.56
N ALA B 272 -10.44 -2.84 -4.49
CA ALA B 272 -10.51 -1.42 -4.59
C ALA B 272 -9.34 -0.87 -5.41
N THR B 273 -8.16 -1.42 -5.15
CA THR B 273 -6.95 -1.01 -5.83
C THR B 273 -6.93 -1.31 -7.31
N ASP B 274 -7.38 -2.48 -7.69
CA ASP B 274 -7.45 -2.86 -9.07
C ASP B 274 -8.38 -1.94 -9.81
N ALA B 275 -9.51 -1.61 -9.22
CA ALA B 275 -10.44 -0.74 -9.82
C ALA B 275 -9.92 0.65 -10.01
N LEU B 276 -9.17 1.19 -9.06
CA LEU B 276 -8.63 2.53 -9.21
C LEU B 276 -7.68 2.60 -10.40
N VAL B 277 -6.86 1.59 -10.58
CA VAL B 277 -5.96 1.55 -11.67
C VAL B 277 -6.69 1.48 -12.99
N ALA B 278 -7.70 0.65 -13.04
CA ALA B 278 -8.50 0.41 -14.21
C ALA B 278 -9.24 1.62 -14.66
N MET B 279 -9.70 2.41 -13.73
CA MET B 279 -10.46 3.58 -14.07
C MET B 279 -9.77 4.72 -14.76
N GLU B 280 -8.46 4.82 -14.67
CA GLU B 280 -7.79 5.89 -15.36
C GLU B 280 -8.03 5.81 -16.87
N LYS B 281 -7.96 4.64 -17.44
CA LYS B 281 -8.22 4.52 -18.85
C LYS B 281 -9.65 4.87 -19.16
N ALA B 282 -10.58 4.44 -18.34
CA ALA B 282 -11.96 4.74 -18.58
C ALA B 282 -12.23 6.22 -18.55
N MET B 283 -11.62 6.96 -17.65
CA MET B 283 -11.88 8.38 -17.62
C MET B 283 -11.43 9.07 -18.89
N LYS B 284 -10.26 8.71 -19.37
CA LYS B 284 -9.78 9.30 -20.58
C LYS B 284 -10.66 8.94 -21.75
N ARG B 285 -11.02 7.69 -21.87
CA ARG B 285 -11.83 7.25 -22.98
C ARG B 285 -13.20 7.85 -23.01
N ASP B 286 -13.84 7.95 -21.86
CA ASP B 286 -15.19 8.47 -21.79
C ASP B 286 -15.28 9.92 -21.40
N LYS B 287 -14.16 10.63 -21.40
CA LYS B 287 -14.12 12.04 -21.09
C LYS B 287 -14.72 12.45 -19.76
N ILE B 288 -14.31 11.81 -18.70
CA ILE B 288 -14.80 12.12 -17.40
C ILE B 288 -13.80 13.05 -16.75
N ILE B 289 -14.26 14.14 -16.18
CA ILE B 289 -13.39 15.11 -15.57
C ILE B 289 -13.71 15.25 -14.09
N VAL B 290 -12.70 15.26 -13.23
CA VAL B 290 -12.93 15.38 -11.80
C VAL B 290 -11.99 16.39 -11.15
N ASN B 291 -12.41 16.99 -10.06
CA ASN B 291 -11.56 17.95 -9.37
C ASN B 291 -10.31 17.32 -8.75
N ASP B 292 -10.45 16.10 -8.26
CA ASP B 292 -9.37 15.39 -7.58
C ASP B 292 -9.05 14.05 -8.23
N ARG B 293 -7.77 13.70 -8.36
CA ARG B 293 -7.35 12.42 -8.98
C ARG B 293 -7.80 11.20 -8.17
N GLN B 294 -8.01 11.39 -6.87
CA GLN B 294 -8.52 10.43 -5.97
C GLN B 294 -9.99 10.06 -6.20
N LEU B 295 -10.73 10.84 -6.97
CA LEU B 295 -12.06 10.55 -7.37
C LEU B 295 -12.14 9.85 -8.72
N ALA B 296 -11.24 8.93 -9.02
CA ALA B 296 -11.21 8.21 -10.23
C ALA B 296 -12.46 7.40 -10.27
N CYS B 297 -13.13 7.38 -11.40
CA CYS B 297 -14.40 6.76 -11.50
C CYS B 297 -14.67 6.32 -12.91
N ALA B 298 -15.77 5.62 -13.10
CA ALA B 298 -16.19 5.16 -14.39
C ALA B 298 -17.67 5.29 -14.55
N ARG B 299 -18.16 5.34 -15.76
CA ARG B 299 -19.60 5.35 -15.96
C ARG B 299 -20.11 4.03 -15.47
N ILE B 300 -21.27 4.03 -14.86
CA ILE B 300 -21.86 2.83 -14.34
C ILE B 300 -22.09 1.81 -15.40
N ALA B 301 -22.58 2.24 -16.54
CA ALA B 301 -22.82 1.40 -17.67
C ALA B 301 -21.57 0.83 -18.33
N SER B 302 -20.43 1.48 -18.18
CA SER B 302 -19.19 1.03 -18.79
C SER B 302 -18.64 -0.26 -18.21
N PRO B 303 -17.81 -0.97 -18.97
CA PRO B 303 -17.30 -2.21 -18.42
C PRO B 303 -16.48 -2.03 -17.17
N GLU B 304 -15.70 -0.98 -17.05
CA GLU B 304 -14.95 -0.76 -15.85
C GLU B 304 -15.88 -0.58 -14.67
N GLY B 305 -16.95 0.17 -14.84
CA GLY B 305 -17.91 0.37 -13.80
C GLY B 305 -18.60 -0.89 -13.39
N GLN B 306 -19.00 -1.68 -14.36
CA GLN B 306 -19.65 -2.93 -14.11
C GLN B 306 -18.72 -3.94 -13.45
N ASP B 307 -17.48 -3.99 -13.90
CA ASP B 307 -16.51 -4.91 -13.34
C ASP B 307 -16.30 -4.58 -11.87
N TYR B 308 -16.17 -3.30 -11.57
CA TYR B 308 -15.99 -2.87 -10.22
C TYR B 308 -17.18 -3.16 -9.34
N LEU B 309 -18.39 -2.88 -9.79
CA LEU B 309 -19.57 -3.12 -9.03
C LEU B 309 -19.76 -4.59 -8.75
N LYS B 310 -19.50 -5.40 -9.73
CA LYS B 310 -19.61 -6.82 -9.58
C LYS B 310 -18.55 -7.33 -8.62
N GLY B 311 -17.36 -6.78 -8.72
CA GLY B 311 -16.28 -7.10 -7.84
C GLY B 311 -16.51 -6.65 -6.43
N MET B 312 -17.06 -5.47 -6.27
CA MET B 312 -17.37 -4.88 -5.01
C MET B 312 -18.39 -5.71 -4.26
N ALA B 313 -19.37 -6.18 -4.99
CA ALA B 313 -20.38 -7.02 -4.44
C ALA B 313 -19.79 -8.34 -3.98
N ALA B 314 -18.86 -8.88 -4.72
CA ALA B 314 -18.20 -10.12 -4.34
C ALA B 314 -17.41 -9.95 -3.05
N ALA B 315 -16.73 -8.81 -2.91
CA ALA B 315 -15.99 -8.45 -1.74
C ALA B 315 -16.93 -8.25 -0.56
N GLY B 316 -18.09 -7.70 -0.84
CA GLY B 316 -19.10 -7.52 0.14
C GLY B 316 -19.58 -8.81 0.69
N ASN B 317 -19.77 -9.79 -0.17
CA ASN B 317 -20.16 -11.10 0.20
C ASN B 317 -19.08 -11.76 1.05
N TYR B 318 -17.82 -11.53 0.72
CA TYR B 318 -16.70 -12.03 1.45
C TYR B 318 -16.71 -11.48 2.86
N ALA B 319 -17.01 -10.22 3.02
CA ALA B 319 -17.06 -9.61 4.32
C ALA B 319 -18.16 -10.19 5.20
N TRP B 320 -19.31 -10.46 4.63
CA TRP B 320 -20.42 -11.02 5.35
C TRP B 320 -20.06 -12.40 5.87
N VAL B 321 -19.36 -13.19 5.06
CA VAL B 321 -18.86 -14.45 5.49
C VAL B 321 -17.84 -14.24 6.57
N ASN B 322 -16.99 -13.26 6.42
CA ASN B 322 -16.01 -12.97 7.43
C ASN B 322 -16.60 -12.60 8.77
N ARG B 323 -17.64 -11.76 8.79
CA ARG B 323 -18.31 -11.44 10.02
C ARG B 323 -19.03 -12.67 10.59
N SER B 324 -19.58 -13.50 9.71
CA SER B 324 -20.25 -14.72 10.10
C SER B 324 -19.31 -15.64 10.81
N SER B 325 -18.10 -15.75 10.30
CA SER B 325 -17.10 -16.57 10.91
C SER B 325 -16.73 -16.07 12.30
N MET B 326 -16.65 -14.77 12.45
CA MET B 326 -16.34 -14.19 13.74
C MET B 326 -17.44 -14.53 14.74
N THR B 327 -18.69 -14.48 14.31
CA THR B 327 -19.85 -14.79 15.10
C THR B 327 -19.85 -16.23 15.53
N PHE B 328 -19.48 -17.11 14.62
CA PHE B 328 -19.40 -18.51 14.92
C PHE B 328 -18.35 -18.75 15.98
N LEU B 329 -17.20 -18.11 15.83
CA LEU B 329 -16.12 -18.27 16.79
C LEU B 329 -16.48 -17.70 18.16
N THR B 330 -17.17 -16.60 18.17
CA THR B 330 -17.64 -15.96 19.37
C THR B 330 -18.64 -16.84 20.08
N ARG B 331 -19.49 -17.49 19.33
CA ARG B 331 -20.46 -18.37 19.91
C ARG B 331 -19.77 -19.54 20.61
N GLN B 332 -18.73 -20.08 19.99
CA GLN B 332 -17.99 -21.18 20.56
C GLN B 332 -17.29 -20.75 21.83
N ALA B 333 -16.71 -19.57 21.82
CA ALA B 333 -16.02 -19.06 22.95
C ALA B 333 -16.94 -18.84 24.11
N PHE B 334 -18.12 -18.29 23.87
CA PHE B 334 -19.07 -18.11 24.92
C PHE B 334 -19.53 -19.46 25.45
N ALA B 335 -19.77 -20.39 24.56
CA ALA B 335 -20.25 -21.70 24.92
C ALA B 335 -19.30 -22.48 25.79
N LYS B 336 -18.03 -22.42 25.50
CA LYS B 336 -17.08 -23.08 26.31
C LYS B 336 -16.99 -22.46 27.68
N VAL B 337 -16.94 -21.16 27.74
CA VAL B 337 -16.80 -20.50 29.00
C VAL B 337 -17.97 -20.69 29.95
N PHE B 338 -19.19 -20.61 29.47
CA PHE B 338 -20.35 -20.80 30.29
C PHE B 338 -20.91 -22.22 30.29
N ASN B 339 -20.26 -23.10 29.57
CA ASN B 339 -20.62 -24.50 29.49
C ASN B 339 -22.03 -24.82 29.09
N THR B 340 -22.59 -24.03 28.20
CA THR B 340 -23.93 -24.21 27.70
C THR B 340 -23.89 -24.02 26.19
N THR B 341 -24.97 -24.32 25.52
CA THR B 341 -25.00 -24.14 24.11
C THR B 341 -25.16 -22.69 23.79
N PRO B 342 -24.76 -22.24 22.60
CA PRO B 342 -24.98 -20.85 22.21
C PRO B 342 -26.43 -20.46 22.14
N ASP B 343 -27.27 -21.39 21.73
CA ASP B 343 -28.70 -21.20 21.65
C ASP B 343 -29.28 -20.94 23.03
N ASP B 344 -28.79 -21.62 24.06
CA ASP B 344 -29.26 -21.40 25.43
C ASP B 344 -28.87 -20.03 25.96
N LEU B 345 -27.75 -19.48 25.47
CA LEU B 345 -27.27 -18.16 25.78
C LEU B 345 -27.96 -17.04 25.01
N ASP B 346 -28.80 -17.40 24.06
CA ASP B 346 -29.61 -16.52 23.26
C ASP B 346 -28.71 -15.63 22.49
N LEU B 347 -27.71 -16.14 21.79
CA LEU B 347 -26.68 -15.40 21.09
C LEU B 347 -27.10 -15.14 19.65
N HIS B 348 -28.25 -14.47 19.46
CA HIS B 348 -28.78 -14.18 18.14
C HIS B 348 -28.22 -12.88 17.59
N VAL B 349 -28.28 -12.72 16.29
CA VAL B 349 -27.90 -11.47 15.66
C VAL B 349 -29.04 -10.49 15.78
N ILE B 350 -28.80 -9.35 16.41
CA ILE B 350 -29.77 -8.26 16.32
C ILE B 350 -29.73 -7.65 14.92
N TYR B 351 -28.52 -7.35 14.43
CA TYR B 351 -28.37 -6.82 13.06
C TYR B 351 -26.91 -6.78 12.62
N ASP B 352 -26.74 -6.58 11.32
CA ASP B 352 -25.45 -6.49 10.65
C ASP B 352 -25.61 -5.48 9.51
N VAL B 353 -24.89 -4.34 9.59
CA VAL B 353 -24.93 -3.28 8.60
C VAL B 353 -23.53 -3.04 8.04
N SER B 354 -23.46 -2.59 6.80
CA SER B 354 -22.23 -2.14 6.16
C SER B 354 -22.05 -0.66 6.48
N HIS B 355 -20.81 -0.18 6.46
CA HIS B 355 -20.62 1.27 6.35
C HIS B 355 -19.59 1.58 5.28
N ASN B 356 -19.44 0.69 4.28
CA ASN B 356 -18.57 0.90 3.12
C ASN B 356 -19.04 0.14 1.87
N ILE B 357 -20.00 0.72 1.16
CA ILE B 357 -20.65 0.01 0.07
C ILE B 357 -21.42 1.00 -0.81
N ALA B 358 -21.63 0.60 -2.06
CA ALA B 358 -22.52 1.26 -2.99
C ALA B 358 -23.72 0.32 -3.21
N LYS B 359 -24.93 0.84 -3.09
CA LYS B 359 -26.11 0.05 -3.23
C LYS B 359 -27.03 0.69 -4.26
N VAL B 360 -27.75 -0.14 -4.99
CA VAL B 360 -28.72 0.30 -5.95
C VAL B 360 -30.03 0.42 -5.18
N GLU B 361 -30.58 1.62 -5.05
CA GLU B 361 -31.77 1.82 -4.26
C GLU B 361 -32.82 2.73 -4.88
N GLN B 362 -34.06 2.53 -4.52
CA GLN B 362 -35.15 3.35 -4.99
C GLN B 362 -35.25 4.55 -4.09
N HIS B 363 -35.28 5.75 -4.65
CA HIS B 363 -35.36 6.95 -3.84
C HIS B 363 -36.14 8.01 -4.57
N VAL B 364 -36.82 8.89 -3.84
CA VAL B 364 -37.54 9.97 -4.45
C VAL B 364 -36.62 11.14 -4.66
N VAL B 365 -36.51 11.69 -5.86
CA VAL B 365 -35.63 12.81 -6.13
C VAL B 365 -36.42 13.89 -6.85
N ASP B 366 -36.51 15.06 -6.23
CA ASP B 366 -37.29 16.14 -6.83
C ASP B 366 -38.70 15.65 -7.11
N GLY B 367 -39.30 14.97 -6.14
CA GLY B 367 -40.66 14.50 -6.29
C GLY B 367 -40.81 13.20 -7.07
N LYS B 368 -39.78 12.77 -7.81
CA LYS B 368 -39.91 11.60 -8.68
C LYS B 368 -39.14 10.40 -8.15
N GLU B 369 -39.71 9.22 -8.31
CA GLU B 369 -39.01 8.03 -7.87
C GLU B 369 -37.88 7.68 -8.86
N ARG B 370 -36.70 7.34 -8.33
CA ARG B 370 -35.55 7.05 -9.18
C ARG B 370 -34.77 5.84 -8.65
N THR B 371 -33.95 5.27 -9.52
CA THR B 371 -33.05 4.17 -9.16
C THR B 371 -31.66 4.77 -9.00
N LEU B 372 -31.18 4.83 -7.78
CA LEU B 372 -29.92 5.50 -7.52
C LEU B 372 -28.87 4.49 -7.07
N LEU B 373 -27.61 4.78 -7.49
CA LEU B 373 -26.42 4.13 -6.95
C LEU B 373 -25.91 5.00 -5.82
N VAL B 374 -26.12 4.53 -4.59
CA VAL B 374 -25.85 5.31 -3.40
C VAL B 374 -24.51 4.85 -2.82
N HIS B 375 -23.53 5.75 -2.87
CA HIS B 375 -22.20 5.54 -2.28
C HIS B 375 -22.23 5.91 -0.81
N ARG B 376 -21.93 4.97 0.07
CA ARG B 376 -21.85 5.22 1.49
C ARG B 376 -20.44 4.81 1.96
N LYS B 377 -19.49 5.75 2.06
CA LYS B 377 -18.16 5.46 2.62
C LYS B 377 -18.08 6.03 4.03
N GLY B 378 -17.92 5.17 5.00
CA GLY B 378 -17.95 5.63 6.36
C GLY B 378 -19.29 6.15 6.81
N SER B 379 -20.37 5.78 6.13
CA SER B 379 -21.73 6.05 6.60
C SER B 379 -22.56 4.77 6.48
N THR B 380 -23.67 4.76 7.18
CA THR B 380 -24.47 3.56 7.34
C THR B 380 -25.88 3.77 6.81
N ARG B 381 -26.37 2.82 6.02
CA ARG B 381 -27.76 2.85 5.59
C ARG B 381 -28.65 2.84 6.84
N ALA B 382 -29.73 3.62 6.78
CA ALA B 382 -30.65 3.74 7.90
C ALA B 382 -32.08 3.90 7.37
N PHE B 383 -32.59 2.79 6.84
CA PHE B 383 -33.92 2.75 6.24
C PHE B 383 -35.00 2.94 7.32
N PRO B 384 -36.11 3.61 6.98
CA PRO B 384 -37.12 4.03 8.01
C PRO B 384 -38.11 2.94 8.36
N PRO B 385 -39.00 3.21 9.30
CA PRO B 385 -40.13 2.29 9.54
C PRO B 385 -40.95 2.04 8.28
N HIS B 386 -41.46 0.81 8.17
CA HIS B 386 -42.36 0.36 7.11
C HIS B 386 -41.70 0.28 5.75
N HIS B 387 -40.38 0.26 5.70
CA HIS B 387 -39.70 0.11 4.43
C HIS B 387 -39.83 -1.32 3.89
N PRO B 388 -40.16 -1.48 2.60
CA PRO B 388 -40.45 -2.82 2.09
C PRO B 388 -39.33 -3.81 2.27
N LEU B 389 -38.08 -3.35 2.24
CA LEU B 389 -36.96 -4.28 2.17
C LEU B 389 -36.42 -4.76 3.50
N ILE B 390 -36.72 -4.12 4.58
CA ILE B 390 -36.08 -4.51 5.83
C ILE B 390 -36.92 -5.57 6.53
N ALA B 391 -36.26 -6.28 7.43
CA ALA B 391 -36.88 -7.44 8.04
C ALA B 391 -38.12 -7.01 8.81
N VAL B 392 -39.05 -7.97 8.95
CA VAL B 392 -40.36 -7.71 9.51
C VAL B 392 -40.26 -7.35 10.98
N ASP B 393 -39.21 -7.86 11.67
CA ASP B 393 -39.01 -7.51 13.08
C ASP B 393 -38.84 -6.01 13.26
N TYR B 394 -38.39 -5.30 12.23
CA TYR B 394 -38.04 -3.88 12.32
C TYR B 394 -38.90 -2.99 11.42
N GLN B 395 -40.05 -3.48 11.01
CA GLN B 395 -40.98 -2.71 10.19
C GLN B 395 -41.56 -1.53 10.96
N LEU B 396 -41.72 -1.66 12.26
CA LEU B 396 -42.26 -0.56 13.05
C LEU B 396 -41.17 0.34 13.63
N THR B 397 -40.03 -0.24 13.94
CA THR B 397 -38.92 0.49 14.52
C THR B 397 -38.12 1.28 13.50
N GLY B 398 -38.07 0.82 12.26
CA GLY B 398 -37.03 1.26 11.36
C GLY B 398 -35.79 0.40 11.53
N GLN B 399 -34.88 0.58 10.62
CA GLN B 399 -33.73 -0.32 10.55
C GLN B 399 -32.74 -0.05 11.67
N PRO B 400 -32.23 -1.07 12.36
CA PRO B 400 -31.15 -0.83 13.31
C PRO B 400 -29.87 -0.29 12.64
N VAL B 401 -29.15 0.57 13.40
CA VAL B 401 -27.88 1.20 13.00
C VAL B 401 -26.88 1.01 14.13
N LEU B 402 -25.74 0.42 13.81
CA LEU B 402 -24.76 0.01 14.80
C LEU B 402 -23.60 1.00 14.75
N ILE B 403 -23.44 1.73 15.83
CA ILE B 403 -22.45 2.79 15.91
C ILE B 403 -21.44 2.39 16.98
N GLY B 404 -20.26 1.94 16.54
CA GLY B 404 -19.17 1.77 17.45
C GLY B 404 -18.47 3.11 17.67
N GLY B 405 -18.16 3.37 18.93
CA GLY B 405 -17.46 4.57 19.38
C GLY B 405 -15.97 4.32 19.50
N THR B 406 -15.49 3.89 20.66
CA THR B 406 -14.11 3.44 20.86
C THR B 406 -14.11 2.41 21.98
N MET B 407 -13.01 1.66 22.12
CA MET B 407 -12.94 0.62 23.14
C MET B 407 -12.92 1.20 24.56
N GLY B 408 -12.60 2.44 24.73
CA GLY B 408 -12.65 3.02 26.03
C GLY B 408 -13.80 3.96 26.26
N THR B 409 -14.74 4.07 25.34
CA THR B 409 -15.86 4.95 25.62
C THR B 409 -17.20 4.21 25.63
N CYS B 410 -17.93 4.13 24.51
CA CYS B 410 -19.23 3.53 24.44
C CYS B 410 -19.64 3.44 22.97
N SER B 411 -20.68 2.70 22.72
CA SER B 411 -21.24 2.48 21.39
C SER B 411 -22.74 2.65 21.44
N TYR B 412 -23.36 2.79 20.27
CA TYR B 412 -24.77 3.04 20.22
C TYR B 412 -25.47 2.17 19.19
N VAL B 413 -26.76 1.97 19.43
CA VAL B 413 -27.69 1.49 18.42
C VAL B 413 -28.69 2.60 18.12
N LEU B 414 -28.92 2.86 16.85
CA LEU B 414 -29.91 3.82 16.39
C LEU B 414 -30.94 3.10 15.52
N THR B 415 -32.00 3.83 15.17
CA THR B 415 -32.94 3.39 14.16
C THR B 415 -33.09 4.46 13.09
N GLY B 416 -33.26 4.02 11.83
CA GLY B 416 -33.53 4.93 10.74
C GLY B 416 -34.91 5.55 10.83
N THR B 417 -35.06 6.70 10.16
CA THR B 417 -36.24 7.52 10.28
C THR B 417 -36.74 7.93 8.90
N GLU B 418 -38.02 8.32 8.87
CA GLU B 418 -38.61 8.81 7.65
C GLU B 418 -37.89 10.06 7.19
N GLN B 419 -37.51 10.92 8.13
CA GLN B 419 -36.80 12.14 7.75
C GLN B 419 -35.44 11.83 7.15
N GLY B 420 -34.73 10.85 7.72
CA GLY B 420 -33.46 10.42 7.13
C GLY B 420 -33.68 9.83 5.74
N MET B 421 -34.75 9.05 5.58
CA MET B 421 -35.02 8.57 4.23
C MET B 421 -35.14 9.74 3.28
N THR B 422 -35.78 10.82 3.76
CA THR B 422 -35.99 11.98 2.90
C THR B 422 -34.72 12.80 2.72
N GLU B 423 -34.06 13.15 3.82
CA GLU B 423 -32.99 14.15 3.79
C GLU B 423 -31.66 13.58 3.29
N THR B 424 -31.35 12.34 3.64
CA THR B 424 -30.03 11.77 3.35
C THR B 424 -30.16 10.43 2.66
N PHE B 425 -31.24 10.17 1.95
CA PHE B 425 -31.47 8.88 1.29
C PHE B 425 -31.21 7.71 2.21
N GLY B 426 -31.64 7.87 3.45
CA GLY B 426 -31.51 6.87 4.47
C GLY B 426 -30.13 6.65 4.89
N THR B 427 -29.37 7.69 5.11
CA THR B 427 -28.02 7.55 5.58
C THR B 427 -27.73 8.31 6.86
N THR B 428 -27.06 7.69 7.80
CA THR B 428 -26.65 8.33 9.02
C THR B 428 -25.14 8.03 9.23
N CYS B 429 -24.58 8.36 10.37
CA CYS B 429 -23.19 8.07 10.71
C CYS B 429 -22.76 6.59 10.85
N HIS B 430 -21.46 6.35 10.87
CA HIS B 430 -20.92 5.04 11.19
C HIS B 430 -20.02 4.91 12.38
N GLY B 431 -19.82 5.97 13.13
CA GLY B 431 -18.92 5.88 14.22
C GLY B 431 -18.52 7.23 14.71
N ALA B 432 -17.47 7.31 15.47
CA ALA B 432 -17.02 8.57 15.92
C ALA B 432 -16.31 9.29 14.84
N GLY B 433 -15.41 8.65 14.11
CA GLY B 433 -14.63 9.32 13.09
C GLY B 433 -13.41 9.95 13.72
N ARG B 434 -12.46 10.32 12.84
CA ARG B 434 -11.20 10.95 13.27
C ARG B 434 -11.41 12.45 13.54
N ALA B 435 -10.88 12.94 14.66
CA ALA B 435 -11.01 14.37 14.96
C ALA B 435 -9.99 15.24 14.21
N LEU B 436 -8.90 14.67 13.76
CA LEU B 436 -7.88 15.42 13.04
C LEU B 436 -7.18 14.48 12.08
N SER B 437 -6.52 15.07 11.09
CA SER B 437 -5.90 14.26 10.06
C SER B 437 -4.74 13.46 10.64
N ARG B 438 -4.48 12.31 10.02
CA ARG B 438 -3.32 11.51 10.39
C ARG B 438 -2.04 12.34 10.39
N ALA B 439 -1.80 13.15 9.34
CA ALA B 439 -0.56 13.93 9.28
C ALA B 439 -0.47 14.92 10.42
N LYS B 440 -1.59 15.55 10.78
CA LYS B 440 -1.58 16.40 11.96
C LYS B 440 -1.40 15.56 13.22
N SER B 441 -2.05 14.39 13.29
CA SER B 441 -1.97 13.54 14.48
C SER B 441 -0.53 13.06 14.74
N ARG B 442 0.17 12.67 13.68
CA ARG B 442 1.59 12.32 13.79
C ARG B 442 2.42 13.58 14.06
N ASP B 446 2.05 6.35 27.10
CA ASP B 446 1.40 6.42 25.80
C ASP B 446 0.61 5.14 25.50
N PHE B 447 1.29 4.02 25.30
CA PHE B 447 0.59 2.77 25.03
C PHE B 447 0.19 2.12 26.35
N GLN B 448 0.96 2.38 27.40
CA GLN B 448 0.65 1.87 28.72
C GLN B 448 -0.46 2.76 29.23
N ASP B 449 -0.40 4.05 28.89
CA ASP B 449 -1.43 5.00 29.22
C ASP B 449 -2.77 4.48 28.74
N VAL B 450 -2.88 4.01 27.51
CA VAL B 450 -4.14 3.47 27.06
C VAL B 450 -4.55 2.20 27.81
N LEU B 451 -3.64 1.26 27.93
CA LEU B 451 -3.93 0.05 28.65
C LEU B 451 -4.30 0.39 30.07
N ASP B 452 -3.59 1.31 30.69
CA ASP B 452 -3.94 1.69 32.05
C ASP B 452 -5.34 2.26 32.12
N LYS B 453 -5.71 3.08 31.15
CA LYS B 453 -7.05 3.67 31.17
C LYS B 453 -8.11 2.57 31.07
N LEU B 454 -7.88 1.55 30.23
CA LEU B 454 -8.84 0.45 30.15
C LEU B 454 -8.90 -0.34 31.45
N ALA B 455 -7.74 -0.70 32.00
CA ALA B 455 -7.74 -1.44 33.26
C ALA B 455 -8.37 -0.63 34.38
N ASP B 456 -8.03 0.64 34.47
CA ASP B 456 -8.66 1.50 35.47
C ASP B 456 -10.17 1.51 35.34
N MET B 457 -10.67 1.37 34.13
CA MET B 457 -12.11 1.34 33.93
C MET B 457 -12.70 -0.05 34.18
N GLY B 458 -11.93 -1.09 34.17
CA GLY B 458 -12.45 -2.41 34.32
C GLY B 458 -12.66 -3.11 33.00
N ILE B 459 -11.99 -2.70 31.93
CA ILE B 459 -12.20 -3.34 30.67
C ILE B 459 -11.10 -4.32 30.34
N ALA B 460 -11.42 -5.58 30.16
CA ALA B 460 -10.45 -6.56 29.81
C ALA B 460 -10.04 -6.38 28.36
N ILE B 461 -8.81 -6.69 28.02
CA ILE B 461 -8.39 -6.54 26.67
C ILE B 461 -7.34 -7.55 26.28
N ARG B 462 -7.38 -8.09 25.06
CA ARG B 462 -6.38 -8.98 24.57
C ARG B 462 -6.02 -8.38 23.23
N VAL B 463 -4.77 -8.06 22.98
CA VAL B 463 -4.38 -7.43 21.73
C VAL B 463 -3.28 -8.16 21.02
N ALA B 464 -3.39 -8.37 19.73
CA ALA B 464 -2.36 -9.05 19.00
C ALA B 464 -1.06 -8.28 18.98
N SER B 465 -1.16 -6.97 18.85
CA SER B 465 0.00 -6.13 18.72
C SER B 465 0.53 -5.56 20.02
N PRO B 466 1.84 -5.55 20.14
CA PRO B 466 2.46 -5.08 21.38
C PRO B 466 2.28 -3.61 21.57
N LYS B 467 1.74 -3.24 22.73
CA LYS B 467 1.52 -1.84 23.10
C LYS B 467 0.65 -1.08 22.11
N LEU B 468 -0.34 -1.74 21.54
CA LEU B 468 -1.30 -1.15 20.61
C LEU B 468 -0.71 -0.40 19.46
N VAL B 469 0.34 -0.93 18.87
CA VAL B 469 0.93 -0.26 17.76
C VAL B 469 -0.07 -0.18 16.60
N MET B 470 -0.87 -1.19 16.35
CA MET B 470 -1.84 -1.13 15.27
C MET B 470 -3.04 -0.24 15.53
N GLU B 471 -3.29 0.21 16.74
CA GLU B 471 -4.43 1.07 16.97
C GLU B 471 -4.09 2.55 17.08
N GLU B 472 -5.03 3.39 16.71
CA GLU B 472 -4.87 4.82 16.82
C GLU B 472 -5.08 5.25 18.23
N ALA B 473 -4.53 6.39 18.59
CA ALA B 473 -4.72 6.90 19.92
C ALA B 473 -6.18 7.36 20.07
N PRO B 474 -6.80 7.27 21.30
CA PRO B 474 -8.18 7.70 21.59
C PRO B 474 -8.42 9.19 21.37
N GLU B 475 -7.37 9.98 21.55
CA GLU B 475 -7.34 11.40 21.32
C GLU B 475 -7.66 11.73 19.85
N SER B 476 -7.20 10.90 18.94
CA SER B 476 -7.50 11.11 17.56
C SER B 476 -8.97 10.97 17.20
N TYR B 477 -9.76 10.21 17.92
CA TYR B 477 -11.18 10.11 17.64
C TYR B 477 -12.05 11.25 18.18
N LYS B 478 -13.19 11.48 17.54
CA LYS B 478 -14.17 12.44 17.98
C LYS B 478 -15.03 11.82 19.05
N ASN B 479 -15.82 12.63 19.73
CA ASN B 479 -16.68 12.10 20.73
C ASN B 479 -17.86 11.45 20.01
N VAL B 480 -18.10 10.17 20.22
CA VAL B 480 -19.17 9.47 19.55
C VAL B 480 -20.55 9.97 19.91
N THR B 481 -20.70 10.41 21.15
CA THR B 481 -21.90 10.96 21.64
C THR B 481 -22.20 12.25 20.89
N ASP B 482 -21.22 13.07 20.56
CA ASP B 482 -21.52 14.24 19.76
C ASP B 482 -22.09 13.84 18.41
N VAL B 483 -21.47 12.86 17.78
CA VAL B 483 -21.88 12.42 16.48
C VAL B 483 -23.26 11.85 16.51
N VAL B 484 -23.52 11.00 17.47
CA VAL B 484 -24.81 10.40 17.60
C VAL B 484 -25.90 11.40 17.93
N ASN B 485 -25.62 12.32 18.82
CA ASN B 485 -26.55 13.32 19.19
C ASN B 485 -26.89 14.28 18.06
N THR B 486 -25.91 14.65 17.27
CA THR B 486 -26.13 15.54 16.16
C THR B 486 -27.08 14.89 15.16
N CYS B 487 -26.91 13.61 14.90
CA CYS B 487 -27.77 12.90 14.00
C CYS B 487 -29.18 12.81 14.53
N HIS B 488 -29.31 12.57 15.81
CA HIS B 488 -30.59 12.46 16.45
C HIS B 488 -31.32 13.77 16.38
N ASP B 489 -30.66 14.86 16.73
CA ASP B 489 -31.26 16.16 16.66
C ASP B 489 -31.59 16.56 15.26
N ALA B 490 -30.76 16.18 14.29
CA ALA B 490 -31.02 16.41 12.88
C ALA B 490 -32.22 15.65 12.35
N GLY B 491 -32.55 14.53 12.97
CA GLY B 491 -33.68 13.73 12.64
C GLY B 491 -33.40 12.56 11.76
N ILE B 492 -32.18 12.45 11.28
CA ILE B 492 -31.77 11.38 10.41
C ILE B 492 -31.72 10.00 11.07
N SER B 493 -31.46 9.89 12.35
CA SER B 493 -31.55 8.60 13.02
C SER B 493 -32.01 8.81 14.44
N LYS B 494 -32.60 7.82 15.04
CA LYS B 494 -33.09 7.95 16.37
C LYS B 494 -32.39 7.01 17.33
N LYS B 495 -31.77 7.53 18.36
CA LYS B 495 -31.06 6.80 19.35
C LYS B 495 -31.90 5.74 19.99
N ALA B 496 -31.38 4.55 20.17
CA ALA B 496 -32.16 3.53 20.80
C ALA B 496 -31.56 2.95 22.03
N ILE B 497 -30.31 2.53 21.99
CA ILE B 497 -29.63 1.93 23.11
C ILE B 497 -28.21 2.50 23.20
N LYS B 498 -27.66 2.65 24.39
CA LYS B 498 -26.28 3.04 24.57
C LYS B 498 -25.59 1.84 25.18
N LEU B 499 -24.42 1.46 24.69
CA LEU B 499 -23.71 0.31 25.20
C LEU B 499 -22.36 0.65 25.76
N ARG B 500 -21.92 -0.07 26.76
CA ARG B 500 -20.64 0.21 27.34
C ARG B 500 -19.77 -1.00 27.21
N PRO B 501 -18.53 -0.84 26.79
CA PRO B 501 -17.65 -1.99 26.66
C PRO B 501 -17.05 -2.58 27.94
N ILE B 502 -17.01 -3.89 28.08
CA ILE B 502 -16.36 -4.54 29.21
C ILE B 502 -15.17 -5.45 28.89
N ALA B 503 -15.06 -5.95 27.66
CA ALA B 503 -13.95 -6.75 27.23
C ALA B 503 -13.80 -6.48 25.75
N VAL B 504 -12.58 -6.45 25.26
CA VAL B 504 -12.42 -6.18 23.87
C VAL B 504 -11.23 -6.96 23.31
N ILE B 505 -11.33 -7.38 22.08
CA ILE B 505 -10.28 -8.06 21.41
C ILE B 505 -9.89 -7.11 20.27
N LYS B 506 -8.64 -6.71 20.21
CA LYS B 506 -8.14 -5.78 19.19
C LYS B 506 -6.95 -6.38 18.58
N GLY B 507 -6.56 -6.08 17.29
CA GLY B 507 -5.43 -6.54 16.52
C GLY B 507 -4.32 -5.54 16.58
#